data_2EHH
#
_entry.id   2EHH
#
_cell.length_a   61.321
_cell.length_b   146.953
_cell.length_c   97.877
_cell.angle_alpha   90.00
_cell.angle_beta   109.35
_cell.angle_gamma   90.00
#
_symmetry.space_group_name_H-M   'P 1 21 1'
#
loop_
_entity.id
_entity.type
_entity.pdbx_description
1 polymer 'Dihydrodipicolinate synthase'
2 non-polymer 'PHOSPHATE ION'
3 water water
#
_entity_poly.entity_id   1
_entity_poly.type   'polypeptide(L)'
_entity_poly.pdbx_seq_one_letter_code
;MFQGSIVALITPFKEGEVDYEALGNLIEFHVDNGTDAILVCGTTGESPTLTFEEHEKVIEFAVKRAAGRIKVIAGTGGNA
THEAVHLTAHAKEVGADGALVVVPYYNKPTQRGLYEHFKTVAQEVDIPIIIYNIPSRTCVEISVDTMFKLASECENIVAS
KESTPNMDRISEIVKRLGESFSVLSGDDSLTLPMMALGAKGVISVANNVMPREVKELIRAALEGDFRRAREIHYYLHDLF
KVLFIETNPIPVKTACWMLGMCEKEFRLPLTEMSPENENKLREVLKKYNLPLKN
;
_entity_poly.pdbx_strand_id   A,C,D,E
#
loop_
_chem_comp.id
_chem_comp.type
_chem_comp.name
_chem_comp.formula
PO4 non-polymer 'PHOSPHATE ION' 'O4 P -3'
#
# COMPACT_ATOMS: atom_id res chain seq x y z
N MET A 1 21.76 -26.75 3.05
CA MET A 1 22.57 -26.94 4.30
C MET A 1 22.34 -25.80 5.29
N PHE A 2 21.90 -24.64 4.82
CA PHE A 2 21.60 -23.54 5.73
C PHE A 2 20.21 -23.85 6.25
N GLN A 3 20.12 -24.13 7.53
CA GLN A 3 18.85 -24.52 8.12
C GLN A 3 18.87 -24.29 9.63
N GLY A 4 17.73 -24.56 10.27
CA GLY A 4 17.63 -24.44 11.71
C GLY A 4 17.45 -23.06 12.31
N SER A 5 18.03 -22.89 13.49
CA SER A 5 17.95 -21.63 14.22
C SER A 5 19.20 -20.79 14.01
N ILE A 6 19.05 -19.71 13.25
CA ILE A 6 20.15 -18.79 12.93
C ILE A 6 19.86 -17.44 13.58
N VAL A 7 20.82 -16.89 14.30
CA VAL A 7 20.60 -15.61 14.94
C VAL A 7 21.21 -14.43 14.20
N ALA A 8 20.41 -13.40 13.97
CA ALA A 8 20.89 -12.17 13.32
C ALA A 8 21.47 -11.45 14.53
N LEU A 9 22.77 -11.62 14.73
CA LEU A 9 23.45 -11.06 15.88
C LEU A 9 23.62 -9.55 15.90
N ILE A 10 23.34 -8.94 17.05
CA ILE A 10 23.51 -7.51 17.22
C ILE A 10 25.02 -7.27 17.26
N THR A 11 25.44 -6.03 17.04
CA THR A 11 26.86 -5.69 17.12
C THR A 11 27.04 -4.78 18.34
N PRO A 12 27.63 -5.31 19.41
CA PRO A 12 27.87 -4.55 20.64
C PRO A 12 28.80 -3.37 20.41
N PHE A 13 28.50 -2.25 21.04
CA PHE A 13 29.31 -1.05 20.92
C PHE A 13 29.72 -0.57 22.32
N LYS A 14 30.90 0.04 22.40
CA LYS A 14 31.39 0.58 23.66
C LYS A 14 32.44 1.62 23.36
N GLU A 15 32.27 2.81 23.93
CA GLU A 15 33.22 3.90 23.70
C GLU A 15 33.22 4.27 22.23
N GLY A 16 32.08 4.05 21.56
CA GLY A 16 31.99 4.36 20.14
C GLY A 16 32.75 3.41 19.24
N GLU A 17 33.17 2.28 19.79
CA GLU A 17 33.92 1.29 19.02
C GLU A 17 33.24 -0.07 19.16
N VAL A 18 33.53 -0.99 18.25
CA VAL A 18 32.95 -2.32 18.35
C VAL A 18 33.47 -2.96 19.63
N ASP A 19 32.54 -3.47 20.45
CA ASP A 19 32.88 -4.11 21.73
C ASP A 19 33.17 -5.60 21.50
N TYR A 20 34.42 -5.91 21.17
CA TYR A 20 34.81 -7.29 20.89
C TYR A 20 34.67 -8.29 22.03
N GLU A 21 34.88 -7.85 23.27
CA GLU A 21 34.74 -8.81 24.38
C GLU A 21 33.26 -9.20 24.52
N ALA A 22 32.36 -8.25 24.29
CA ALA A 22 30.94 -8.54 24.38
C ALA A 22 30.52 -9.43 23.20
N LEU A 23 31.09 -9.15 22.03
CA LEU A 23 30.78 -9.92 20.83
C LEU A 23 31.25 -11.36 21.07
N GLY A 24 32.44 -11.48 21.64
CA GLY A 24 32.98 -12.81 21.93
C GLY A 24 32.07 -13.59 22.85
N ASN A 25 31.57 -12.94 23.90
CA ASN A 25 30.69 -13.61 24.84
C ASN A 25 29.35 -13.95 24.21
N LEU A 26 28.92 -13.11 23.27
CA LEU A 26 27.67 -13.33 22.56
C LEU A 26 27.83 -14.62 21.73
N ILE A 27 28.99 -14.79 21.14
CA ILE A 27 29.25 -15.99 20.34
C ILE A 27 29.21 -17.24 21.20
N GLU A 28 29.85 -17.19 22.37
CA GLU A 28 29.86 -18.34 23.28
C GLU A 28 28.43 -18.61 23.74
N PHE A 29 27.68 -17.54 23.97
CA PHE A 29 26.29 -17.65 24.42
C PHE A 29 25.52 -18.54 23.45
N HIS A 30 25.70 -18.31 22.15
CA HIS A 30 24.98 -19.11 21.17
C HIS A 30 25.53 -20.51 20.98
N VAL A 31 26.83 -20.67 21.19
CA VAL A 31 27.42 -22.00 21.06
C VAL A 31 26.82 -22.93 22.12
N ASP A 32 26.72 -22.46 23.35
CA ASP A 32 26.16 -23.33 24.38
C ASP A 32 24.65 -23.28 24.56
N ASN A 33 23.96 -22.61 23.64
CA ASN A 33 22.50 -22.56 23.73
C ASN A 33 21.80 -23.19 22.53
N GLY A 34 22.54 -23.96 21.75
CA GLY A 34 21.94 -24.66 20.62
C GLY A 34 21.76 -23.95 19.29
N THR A 35 22.16 -22.68 19.19
CA THR A 35 21.99 -21.97 17.93
C THR A 35 22.83 -22.64 16.82
N ASP A 36 22.23 -22.80 15.65
CA ASP A 36 22.91 -23.46 14.54
C ASP A 36 23.92 -22.58 13.81
N ALA A 37 23.63 -21.29 13.71
CA ALA A 37 24.54 -20.39 13.02
C ALA A 37 24.36 -18.96 13.46
N ILE A 38 25.40 -18.16 13.26
CA ILE A 38 25.35 -16.76 13.62
C ILE A 38 25.56 -15.91 12.38
N LEU A 39 24.70 -14.92 12.20
CA LEU A 39 24.81 -13.99 11.09
C LEU A 39 25.37 -12.72 11.69
N VAL A 40 26.55 -12.32 11.25
CA VAL A 40 27.15 -11.09 11.76
C VAL A 40 27.13 -10.01 10.69
N CYS A 41 27.02 -8.76 11.13
CA CYS A 41 26.98 -7.62 10.23
C CYS A 41 25.75 -7.56 9.34
N GLY A 42 24.62 -7.99 9.90
CA GLY A 42 23.38 -7.93 9.16
C GLY A 42 22.66 -6.66 9.60
N THR A 43 21.40 -6.51 9.20
CA THR A 43 20.62 -5.33 9.57
C THR A 43 20.54 -5.22 11.09
N THR A 44 20.31 -6.35 11.73
CA THR A 44 20.21 -6.39 13.18
C THR A 44 21.55 -6.06 13.82
N GLY A 45 22.62 -6.31 13.07
CA GLY A 45 23.96 -6.01 13.56
C GLY A 45 24.38 -4.58 13.25
N GLU A 46 23.44 -3.76 12.82
CA GLU A 46 23.71 -2.36 12.50
C GLU A 46 24.77 -2.12 11.43
N SER A 47 24.80 -2.98 10.41
CA SER A 47 25.77 -2.84 9.34
C SER A 47 25.75 -1.47 8.65
N PRO A 48 24.58 -0.81 8.58
CA PRO A 48 24.55 0.51 7.93
C PRO A 48 25.51 1.51 8.56
N THR A 49 25.71 1.42 9.87
CA THR A 49 26.60 2.34 10.56
C THR A 49 27.99 1.78 10.87
N LEU A 50 28.27 0.57 10.39
CA LEU A 50 29.59 -0.03 10.60
C LEU A 50 30.45 0.35 9.41
N THR A 51 31.71 0.70 9.66
CA THR A 51 32.60 1.08 8.58
C THR A 51 32.96 -0.20 7.83
N PHE A 52 33.34 -0.06 6.57
CA PHE A 52 33.72 -1.19 5.74
C PHE A 52 34.78 -2.03 6.46
N GLU A 53 35.67 -1.36 7.18
CA GLU A 53 36.74 -2.04 7.90
C GLU A 53 36.22 -2.76 9.14
N GLU A 54 35.23 -2.19 9.80
CA GLU A 54 34.67 -2.83 10.98
C GLU A 54 33.96 -4.09 10.51
N HIS A 55 33.35 -4.03 9.32
CA HIS A 55 32.67 -5.19 8.75
C HIS A 55 33.65 -6.35 8.60
N GLU A 56 34.79 -6.08 7.98
CA GLU A 56 35.77 -7.15 7.79
C GLU A 56 36.39 -7.62 9.09
N LYS A 57 36.57 -6.72 10.05
CA LYS A 57 37.14 -7.09 11.34
C LYS A 57 36.18 -7.96 12.14
N VAL A 58 34.90 -7.61 12.12
CA VAL A 58 33.90 -8.38 12.86
C VAL A 58 33.74 -9.77 12.26
N ILE A 59 33.71 -9.86 10.94
CA ILE A 59 33.57 -11.13 10.27
C ILE A 59 34.78 -12.01 10.60
N GLU A 60 35.97 -11.46 10.42
CA GLU A 60 37.19 -12.19 10.68
C GLU A 60 37.23 -12.64 12.15
N PHE A 61 36.80 -11.77 13.05
CA PHE A 61 36.77 -12.06 14.48
C PHE A 61 35.78 -13.18 14.81
N ALA A 62 34.58 -13.11 14.24
CA ALA A 62 33.56 -14.11 14.50
C ALA A 62 33.99 -15.49 14.04
N VAL A 63 34.61 -15.55 12.86
CA VAL A 63 35.07 -16.83 12.33
C VAL A 63 36.10 -17.44 13.28
N LYS A 64 37.05 -16.62 13.73
CA LYS A 64 38.09 -17.10 14.64
C LYS A 64 37.52 -17.56 15.98
N ARG A 65 36.59 -16.79 16.55
CA ARG A 65 36.02 -17.16 17.83
C ARG A 65 35.12 -18.39 17.74
N ALA A 66 34.18 -18.38 16.80
CA ALA A 66 33.28 -19.52 16.64
C ALA A 66 34.12 -20.76 16.37
N ALA A 67 35.09 -20.62 15.46
CA ALA A 67 35.99 -21.71 15.09
C ALA A 67 35.30 -23.03 14.79
N GLY A 68 34.38 -23.01 13.84
CA GLY A 68 33.68 -24.23 13.44
C GLY A 68 32.68 -24.85 14.38
N ARG A 69 32.58 -24.35 15.61
CA ARG A 69 31.62 -24.90 16.57
C ARG A 69 30.19 -24.57 16.15
N ILE A 70 30.04 -23.49 15.40
CA ILE A 70 28.74 -23.05 14.88
C ILE A 70 29.04 -22.34 13.58
N LYS A 71 28.09 -22.39 12.64
CA LYS A 71 28.31 -21.72 11.36
C LYS A 71 28.34 -20.21 11.51
N VAL A 72 29.09 -19.56 10.64
CA VAL A 72 29.21 -18.12 10.65
C VAL A 72 28.84 -17.62 9.27
N ILE A 73 27.79 -16.80 9.21
CA ILE A 73 27.32 -16.21 7.96
C ILE A 73 27.64 -14.72 8.05
N ALA A 74 28.21 -14.17 7.00
CA ALA A 74 28.57 -12.76 6.99
C ALA A 74 27.68 -11.91 6.10
N GLY A 75 27.23 -10.78 6.63
CA GLY A 75 26.43 -9.87 5.85
C GLY A 75 27.45 -9.12 5.02
N THR A 76 27.40 -9.30 3.70
CA THR A 76 28.38 -8.67 2.83
C THR A 76 27.82 -7.80 1.71
N GLY A 77 26.52 -7.60 1.68
CA GLY A 77 25.95 -6.81 0.61
C GLY A 77 25.61 -5.37 0.94
N GLY A 78 25.31 -4.60 -0.10
CA GLY A 78 24.93 -3.21 0.03
C GLY A 78 24.18 -2.91 -1.24
N ASN A 79 24.21 -1.68 -1.73
CA ASN A 79 23.52 -1.39 -2.97
C ASN A 79 24.48 -1.04 -4.09
N ALA A 80 25.75 -1.44 -3.91
CA ALA A 80 26.81 -1.22 -4.89
C ALA A 80 27.46 -2.57 -5.16
N THR A 81 27.34 -3.06 -6.40
CA THR A 81 27.89 -4.37 -6.77
C THR A 81 29.40 -4.53 -6.52
N HIS A 82 30.21 -3.61 -7.02
CA HIS A 82 31.66 -3.70 -6.83
C HIS A 82 32.01 -3.91 -5.37
N GLU A 83 31.42 -3.09 -4.52
CA GLU A 83 31.64 -3.15 -3.08
C GLU A 83 31.19 -4.50 -2.50
N ALA A 84 30.02 -4.97 -2.92
CA ALA A 84 29.51 -6.25 -2.42
C ALA A 84 30.45 -7.39 -2.82
N VAL A 85 31.05 -7.29 -4.00
CA VAL A 85 31.96 -8.34 -4.46
C VAL A 85 33.18 -8.37 -3.53
N HIS A 86 33.77 -7.21 -3.29
CA HIS A 86 34.95 -7.14 -2.43
C HIS A 86 34.71 -7.67 -1.02
N LEU A 87 33.61 -7.24 -0.40
CA LEU A 87 33.30 -7.70 0.95
C LEU A 87 32.99 -9.19 0.98
N THR A 88 32.33 -9.69 -0.06
CA THR A 88 32.01 -11.10 -0.11
C THR A 88 33.32 -11.89 -0.31
N ALA A 89 34.23 -11.32 -1.07
CA ALA A 89 35.53 -11.97 -1.31
C ALA A 89 36.25 -12.10 0.03
N HIS A 90 36.19 -11.04 0.83
CA HIS A 90 36.83 -11.02 2.15
C HIS A 90 36.27 -12.12 3.03
N ALA A 91 34.94 -12.22 3.09
CA ALA A 91 34.28 -13.24 3.90
C ALA A 91 34.79 -14.62 3.53
N LYS A 92 34.93 -14.84 2.22
CA LYS A 92 35.42 -16.10 1.68
C LYS A 92 36.84 -16.30 2.21
N GLU A 93 37.66 -15.27 2.05
CA GLU A 93 39.04 -15.27 2.49
C GLU A 93 39.28 -15.62 3.94
N VAL A 94 38.47 -15.05 4.85
CA VAL A 94 38.66 -15.31 6.27
C VAL A 94 37.94 -16.53 6.84
N GLY A 95 37.32 -17.34 5.97
CA GLY A 95 36.67 -18.55 6.45
C GLY A 95 35.20 -18.55 6.80
N ALA A 96 34.45 -17.54 6.37
CA ALA A 96 33.02 -17.52 6.67
C ALA A 96 32.34 -18.69 5.94
N ASP A 97 31.33 -19.29 6.56
CA ASP A 97 30.62 -20.41 5.96
C ASP A 97 29.65 -19.99 4.86
N GLY A 98 29.20 -18.74 4.92
CA GLY A 98 28.29 -18.25 3.92
C GLY A 98 28.21 -16.74 3.93
N ALA A 99 27.63 -16.17 2.87
CA ALA A 99 27.50 -14.73 2.77
C ALA A 99 26.03 -14.36 2.54
N LEU A 100 25.52 -13.43 3.36
CA LEU A 100 24.14 -12.97 3.24
C LEU A 100 24.23 -11.69 2.42
N VAL A 101 23.62 -11.70 1.24
CA VAL A 101 23.65 -10.55 0.35
C VAL A 101 22.27 -9.95 0.18
N VAL A 102 22.07 -8.78 0.76
CA VAL A 102 20.77 -8.13 0.69
C VAL A 102 20.45 -7.62 -0.72
N VAL A 103 19.17 -7.61 -1.05
CA VAL A 103 18.74 -7.09 -2.35
C VAL A 103 19.05 -5.60 -2.22
N PRO A 104 19.70 -5.00 -3.23
CA PRO A 104 20.04 -3.59 -3.20
C PRO A 104 18.90 -2.67 -2.75
N TYR A 105 19.18 -1.86 -1.73
CA TYR A 105 18.20 -0.92 -1.21
C TYR A 105 18.39 0.48 -1.80
N TYR A 106 17.32 1.28 -1.74
CA TYR A 106 17.34 2.67 -2.20
C TYR A 106 17.45 2.99 -3.69
N ASN A 107 18.41 2.40 -4.42
CA ASN A 107 18.52 2.73 -5.84
C ASN A 107 17.57 1.95 -6.76
N LYS A 108 16.79 1.04 -6.17
CA LYS A 108 15.78 0.25 -6.89
C LYS A 108 16.14 -0.24 -8.29
N PRO A 109 17.15 -1.11 -8.39
CA PRO A 109 17.51 -1.60 -9.72
C PRO A 109 16.38 -2.40 -10.36
N THR A 110 16.45 -2.55 -11.68
CA THR A 110 15.47 -3.33 -12.42
C THR A 110 15.76 -4.79 -12.10
N GLN A 111 14.89 -5.69 -12.52
CA GLN A 111 15.13 -7.12 -12.27
C GLN A 111 16.40 -7.56 -12.96
N ARG A 112 16.70 -6.98 -14.13
CA ARG A 112 17.91 -7.34 -14.84
C ARG A 112 19.09 -6.89 -13.97
N GLY A 113 18.94 -5.72 -13.37
CA GLY A 113 19.97 -5.19 -12.49
C GLY A 113 20.18 -6.09 -11.29
N LEU A 114 19.09 -6.61 -10.72
CA LEU A 114 19.20 -7.49 -9.57
C LEU A 114 19.88 -8.79 -9.99
N TYR A 115 19.56 -9.27 -11.18
CA TYR A 115 20.16 -10.50 -11.70
C TYR A 115 21.67 -10.30 -11.84
N GLU A 116 22.07 -9.25 -12.54
CA GLU A 116 23.50 -9.00 -12.74
C GLU A 116 24.25 -8.77 -11.42
N HIS A 117 23.57 -8.17 -10.45
CA HIS A 117 24.17 -7.92 -9.14
C HIS A 117 24.57 -9.23 -8.47
N PHE A 118 23.58 -10.08 -8.23
CA PHE A 118 23.82 -11.35 -7.58
C PHE A 118 24.67 -12.29 -8.41
N LYS A 119 24.50 -12.26 -9.72
CA LYS A 119 25.28 -13.11 -10.60
C LYS A 119 26.75 -12.71 -10.51
N THR A 120 27.01 -11.42 -10.58
CA THR A 120 28.38 -10.91 -10.50
C THR A 120 29.07 -11.35 -9.22
N VAL A 121 28.40 -11.16 -8.09
CA VAL A 121 28.96 -11.55 -6.81
C VAL A 121 29.18 -13.07 -6.72
N ALA A 122 28.16 -13.84 -7.09
CA ALA A 122 28.24 -15.30 -7.04
C ALA A 122 29.34 -15.90 -7.93
N GLN A 123 29.48 -15.40 -9.14
CA GLN A 123 30.50 -15.91 -10.05
C GLN A 123 31.90 -15.46 -9.66
N GLU A 124 31.99 -14.38 -8.90
CA GLU A 124 33.28 -13.87 -8.46
C GLU A 124 33.82 -14.57 -7.22
N VAL A 125 32.92 -14.89 -6.29
CA VAL A 125 33.32 -15.54 -5.05
C VAL A 125 32.69 -16.91 -4.85
N ASP A 126 33.54 -17.92 -4.71
CA ASP A 126 33.09 -19.28 -4.51
C ASP A 126 32.71 -19.55 -3.06
N ILE A 127 31.62 -18.93 -2.62
CA ILE A 127 31.14 -19.10 -1.25
C ILE A 127 29.61 -19.21 -1.29
N PRO A 128 29.01 -20.04 -0.42
CA PRO A 128 27.55 -20.15 -0.44
C PRO A 128 26.93 -18.78 -0.18
N ILE A 129 25.95 -18.41 -1.01
CA ILE A 129 25.29 -17.12 -0.88
C ILE A 129 23.81 -17.24 -0.57
N ILE A 130 23.35 -16.43 0.37
CA ILE A 130 21.94 -16.38 0.76
C ILE A 130 21.39 -15.02 0.36
N ILE A 131 20.38 -15.02 -0.49
CA ILE A 131 19.75 -13.77 -0.91
C ILE A 131 18.92 -13.26 0.26
N TYR A 132 18.91 -11.94 0.47
CA TYR A 132 18.12 -11.38 1.56
C TYR A 132 17.09 -10.42 0.99
N ASN A 133 15.83 -10.85 1.01
CA ASN A 133 14.73 -10.06 0.48
C ASN A 133 13.92 -9.44 1.61
N ILE A 134 13.86 -8.12 1.65
CA ILE A 134 13.10 -7.41 2.67
C ILE A 134 12.61 -6.09 2.08
N PRO A 135 11.58 -6.17 1.23
CA PRO A 135 10.99 -5.02 0.56
C PRO A 135 10.64 -3.85 1.48
N SER A 136 10.23 -4.16 2.72
CA SER A 136 9.86 -3.11 3.67
C SER A 136 11.03 -2.20 4.02
N ARG A 137 12.24 -2.64 3.71
CA ARG A 137 13.43 -1.84 3.99
C ARG A 137 14.15 -1.40 2.72
N THR A 138 14.25 -2.31 1.75
CA THR A 138 14.95 -2.03 0.50
C THR A 138 14.13 -1.23 -0.50
N CYS A 139 12.83 -1.29 -0.35
CA CYS A 139 11.89 -0.59 -1.21
C CYS A 139 11.87 -1.13 -2.65
N VAL A 140 12.21 -2.42 -2.78
CA VAL A 140 12.20 -3.12 -4.06
C VAL A 140 12.18 -4.62 -3.73
N GLU A 141 11.72 -5.45 -4.66
CA GLU A 141 11.68 -6.89 -4.40
C GLU A 141 12.22 -7.69 -5.57
N ILE A 142 13.01 -8.71 -5.25
CA ILE A 142 13.56 -9.56 -6.28
C ILE A 142 12.46 -10.57 -6.61
N SER A 143 12.05 -10.62 -7.88
CA SER A 143 10.99 -11.52 -8.30
C SER A 143 11.41 -12.97 -8.24
N VAL A 144 10.42 -13.87 -8.18
CA VAL A 144 10.74 -15.29 -8.14
C VAL A 144 11.38 -15.67 -9.48
N ASP A 145 10.94 -15.03 -10.56
CA ASP A 145 11.52 -15.30 -11.87
C ASP A 145 13.03 -15.06 -11.80
N THR A 146 13.42 -13.92 -11.23
CA THR A 146 14.82 -13.57 -11.12
C THR A 146 15.56 -14.56 -10.21
N MET A 147 14.95 -14.90 -9.08
CA MET A 147 15.55 -15.85 -8.15
C MET A 147 15.75 -17.19 -8.85
N PHE A 148 14.76 -17.60 -9.62
CA PHE A 148 14.82 -18.87 -10.34
C PHE A 148 16.01 -18.87 -11.31
N LYS A 149 16.13 -17.79 -12.08
CA LYS A 149 17.21 -17.66 -13.05
C LYS A 149 18.56 -17.67 -12.34
N LEU A 150 18.62 -17.01 -11.18
CA LEU A 150 19.86 -16.95 -10.41
C LEU A 150 20.28 -18.29 -9.81
N ALA A 151 19.33 -18.98 -9.18
CA ALA A 151 19.61 -20.26 -8.56
C ALA A 151 19.95 -21.32 -9.60
N SER A 152 19.40 -21.16 -10.80
CA SER A 152 19.64 -22.10 -11.89
C SER A 152 21.01 -21.90 -12.53
N GLU A 153 21.44 -20.66 -12.66
CA GLU A 153 22.72 -20.34 -13.28
C GLU A 153 23.91 -20.44 -12.33
N CYS A 154 23.68 -20.13 -11.05
CA CYS A 154 24.75 -20.18 -10.05
C CYS A 154 24.50 -21.24 -8.98
N GLU A 155 25.25 -22.34 -9.03
CA GLU A 155 25.09 -23.41 -8.04
C GLU A 155 25.41 -22.80 -6.70
N ASN A 156 26.10 -21.67 -6.77
CA ASN A 156 26.58 -20.88 -5.65
C ASN A 156 25.46 -20.20 -4.82
N ILE A 157 24.34 -19.90 -5.46
CA ILE A 157 23.21 -19.25 -4.79
C ILE A 157 22.29 -20.35 -4.30
N VAL A 158 22.32 -20.59 -3.00
CA VAL A 158 21.57 -21.68 -2.38
C VAL A 158 20.38 -21.40 -1.47
N ALA A 159 20.15 -20.16 -1.13
CA ALA A 159 19.03 -19.87 -0.24
C ALA A 159 18.59 -18.42 -0.26
N SER A 160 17.49 -18.15 0.43
CA SER A 160 16.97 -16.79 0.53
C SER A 160 16.35 -16.55 1.89
N LYS A 161 16.68 -15.43 2.50
CA LYS A 161 16.11 -15.05 3.77
C LYS A 161 14.93 -14.18 3.37
N GLU A 162 13.73 -14.66 3.64
CA GLU A 162 12.52 -13.94 3.25
C GLU A 162 11.80 -13.22 4.38
N SER A 163 11.94 -11.89 4.40
CA SER A 163 11.26 -11.06 5.38
C SER A 163 10.11 -10.47 4.59
N THR A 164 9.07 -11.28 4.41
CA THR A 164 7.87 -10.91 3.65
C THR A 164 6.64 -11.54 4.30
N PRO A 165 5.52 -10.82 4.34
CA PRO A 165 4.30 -11.38 4.95
C PRO A 165 3.48 -12.17 3.93
N ASN A 166 3.99 -12.28 2.71
CA ASN A 166 3.29 -12.98 1.64
C ASN A 166 3.62 -14.47 1.58
N MET A 167 2.79 -15.31 2.21
CA MET A 167 3.03 -16.75 2.20
C MET A 167 2.99 -17.30 0.78
N ASP A 168 2.21 -16.66 -0.07
CA ASP A 168 2.11 -17.09 -1.46
C ASP A 168 3.45 -17.02 -2.16
N ARG A 169 4.28 -16.05 -1.79
CA ARG A 169 5.59 -15.91 -2.38
C ARG A 169 6.44 -17.10 -1.93
N ILE A 170 6.29 -17.48 -0.66
CA ILE A 170 7.05 -18.61 -0.14
C ILE A 170 6.65 -19.87 -0.94
N SER A 171 5.35 -20.05 -1.14
CA SER A 171 4.87 -21.21 -1.90
C SER A 171 5.51 -21.24 -3.28
N GLU A 172 5.51 -20.07 -3.92
CA GLU A 172 6.07 -19.95 -5.27
C GLU A 172 7.55 -20.31 -5.30
N ILE A 173 8.32 -19.81 -4.34
CA ILE A 173 9.76 -20.11 -4.28
C ILE A 173 9.99 -21.60 -4.04
N VAL A 174 9.33 -22.16 -3.02
CA VAL A 174 9.48 -23.58 -2.72
C VAL A 174 9.14 -24.45 -3.92
N LYS A 175 8.03 -24.14 -4.58
CA LYS A 175 7.58 -24.90 -5.73
C LYS A 175 8.47 -24.76 -6.95
N ARG A 176 8.84 -23.54 -7.30
CA ARG A 176 9.66 -23.31 -8.48
C ARG A 176 11.16 -23.57 -8.36
N LEU A 177 11.80 -23.16 -7.26
CA LEU A 177 13.25 -23.36 -7.13
C LEU A 177 13.65 -24.77 -6.74
N GLY A 178 12.70 -25.55 -6.24
CA GLY A 178 13.03 -26.91 -5.89
C GLY A 178 13.83 -27.17 -4.62
N GLU A 179 13.92 -28.45 -4.30
CA GLU A 179 14.59 -28.97 -3.10
C GLU A 179 16.03 -28.61 -2.78
N SER A 180 16.85 -28.29 -3.78
CA SER A 180 18.24 -27.95 -3.48
C SER A 180 18.34 -26.52 -2.94
N PHE A 181 17.25 -25.77 -3.03
CA PHE A 181 17.22 -24.39 -2.56
C PHE A 181 16.60 -24.34 -1.18
N SER A 182 17.07 -23.42 -0.35
CA SER A 182 16.53 -23.31 1.00
C SER A 182 15.92 -21.96 1.32
N VAL A 183 14.68 -21.97 1.80
CA VAL A 183 14.01 -20.73 2.19
C VAL A 183 14.10 -20.59 3.70
N LEU A 184 14.57 -19.43 4.15
CA LEU A 184 14.68 -19.17 5.58
C LEU A 184 13.77 -18.01 5.94
N SER A 185 13.00 -18.16 7.02
CA SER A 185 12.10 -17.11 7.47
C SER A 185 12.90 -15.91 7.92
N GLY A 186 12.45 -14.72 7.51
CA GLY A 186 13.13 -13.50 7.90
C GLY A 186 12.30 -12.75 8.93
N ASP A 187 11.35 -13.45 9.54
CA ASP A 187 10.49 -12.85 10.55
C ASP A 187 10.03 -13.90 11.54
N ASP A 188 10.38 -13.70 12.81
CA ASP A 188 10.04 -14.65 13.86
C ASP A 188 8.58 -15.08 13.94
N SER A 189 7.68 -14.12 13.83
CA SER A 189 6.25 -14.42 13.89
C SER A 189 5.77 -15.28 12.73
N LEU A 190 6.55 -15.36 11.66
CA LEU A 190 6.15 -16.12 10.48
C LEU A 190 6.89 -17.43 10.28
N THR A 191 7.80 -17.75 11.18
CA THR A 191 8.57 -18.98 11.06
C THR A 191 7.69 -20.22 10.98
N LEU A 192 6.71 -20.33 11.89
CA LEU A 192 5.83 -21.51 11.89
C LEU A 192 5.10 -21.69 10.56
N PRO A 193 4.31 -20.68 10.13
CA PRO A 193 3.62 -20.87 8.86
C PRO A 193 4.55 -21.08 7.66
N MET A 194 5.70 -20.41 7.66
CA MET A 194 6.63 -20.60 6.55
C MET A 194 7.22 -22.00 6.54
N MET A 195 7.53 -22.54 7.72
CA MET A 195 8.09 -23.89 7.77
C MET A 195 7.02 -24.93 7.44
N ALA A 196 5.77 -24.63 7.75
CA ALA A 196 4.69 -25.56 7.43
C ALA A 196 4.63 -25.69 5.90
N LEU A 197 5.08 -24.64 5.21
CA LEU A 197 5.08 -24.62 3.74
C LEU A 197 6.38 -25.15 3.13
N GLY A 198 7.37 -25.43 3.96
CA GLY A 198 8.63 -25.94 3.42
C GLY A 198 9.90 -25.17 3.73
N ALA A 199 9.80 -24.07 4.47
CA ALA A 199 10.98 -23.28 4.82
C ALA A 199 11.85 -24.20 5.69
N LYS A 200 13.15 -23.99 5.69
CA LYS A 200 14.05 -24.86 6.45
C LYS A 200 14.58 -24.29 7.75
N GLY A 201 14.13 -23.09 8.10
CA GLY A 201 14.60 -22.48 9.34
C GLY A 201 14.30 -21.00 9.37
N VAL A 202 15.00 -20.28 10.24
CA VAL A 202 14.80 -18.84 10.39
C VAL A 202 16.08 -18.10 10.72
N ILE A 203 16.22 -16.89 10.20
CA ILE A 203 17.34 -16.03 10.55
C ILE A 203 16.57 -15.08 11.45
N SER A 204 16.64 -15.38 12.75
CA SER A 204 15.92 -14.71 13.81
C SER A 204 16.52 -13.54 14.58
N VAL A 205 15.63 -12.71 15.12
CA VAL A 205 15.99 -11.57 15.95
C VAL A 205 15.76 -12.03 17.39
N ALA A 206 14.64 -12.70 17.63
CA ALA A 206 14.28 -13.19 18.96
C ALA A 206 15.35 -14.13 19.52
N ASN A 207 16.09 -14.76 18.62
CA ASN A 207 17.16 -15.69 18.97
C ASN A 207 18.21 -15.05 19.87
N ASN A 208 18.36 -13.73 19.74
CA ASN A 208 19.34 -12.99 20.52
C ASN A 208 19.10 -13.09 22.03
N VAL A 209 17.86 -13.27 22.44
CA VAL A 209 17.55 -13.33 23.86
C VAL A 209 16.96 -14.63 24.39
N MET A 210 16.32 -15.42 23.53
CA MET A 210 15.75 -16.70 23.96
C MET A 210 16.10 -17.77 22.93
N PRO A 211 17.41 -18.04 22.78
CA PRO A 211 17.99 -19.03 21.85
C PRO A 211 17.39 -20.43 21.97
N ARG A 212 17.30 -20.91 23.20
CA ARG A 212 16.78 -22.25 23.47
C ARG A 212 15.34 -22.45 23.00
N GLU A 213 14.48 -21.52 23.38
CA GLU A 213 13.07 -21.60 23.01
C GLU A 213 12.88 -21.58 21.49
N VAL A 214 13.53 -20.62 20.83
CA VAL A 214 13.39 -20.52 19.39
C VAL A 214 13.87 -21.81 18.74
N LYS A 215 14.99 -22.32 19.24
CA LYS A 215 15.55 -23.56 18.72
C LYS A 215 14.51 -24.66 18.82
N GLU A 216 13.81 -24.72 19.96
CA GLU A 216 12.78 -25.74 20.16
C GLU A 216 11.64 -25.59 19.16
N LEU A 217 11.27 -24.35 18.86
CA LEU A 217 10.20 -24.11 17.89
C LEU A 217 10.63 -24.70 16.55
N ILE A 218 11.86 -24.40 16.16
CA ILE A 218 12.40 -24.88 14.90
C ILE A 218 12.48 -26.41 14.81
N ARG A 219 12.96 -27.06 15.87
CA ARG A 219 13.05 -28.52 15.84
C ARG A 219 11.66 -29.17 15.75
N ALA A 220 10.68 -28.61 16.46
CA ALA A 220 9.34 -29.16 16.42
C ALA A 220 8.82 -29.10 14.98
N ALA A 221 9.03 -27.96 14.33
CA ALA A 221 8.59 -27.77 12.96
C ALA A 221 9.33 -28.70 12.01
N LEU A 222 10.65 -28.81 12.19
CA LEU A 222 11.44 -29.69 11.34
C LEU A 222 10.97 -31.13 11.51
N GLU A 223 10.49 -31.46 12.71
CA GLU A 223 10.01 -32.81 12.99
C GLU A 223 8.59 -33.00 12.49
N GLY A 224 7.93 -31.90 12.13
CA GLY A 224 6.57 -31.97 11.63
C GLY A 224 5.52 -31.95 12.72
N ASP A 225 5.95 -31.66 13.95
CA ASP A 225 5.04 -31.61 15.09
C ASP A 225 4.56 -30.16 15.28
N PHE A 226 3.54 -29.78 14.53
CA PHE A 226 3.05 -28.42 14.63
C PHE A 226 2.16 -28.14 15.82
N ARG A 227 1.76 -29.18 16.54
CA ARG A 227 0.97 -28.98 17.74
C ARG A 227 1.95 -28.40 18.75
N ARG A 228 3.15 -28.97 18.77
CA ARG A 228 4.20 -28.49 19.68
C ARG A 228 4.71 -27.14 19.18
N ALA A 229 4.82 -27.00 17.86
CA ALA A 229 5.29 -25.75 17.27
C ALA A 229 4.36 -24.61 17.67
N ARG A 230 3.05 -24.84 17.55
CA ARG A 230 2.08 -23.82 17.93
C ARG A 230 2.20 -23.48 19.40
N GLU A 231 2.49 -24.48 20.24
CA GLU A 231 2.61 -24.25 21.65
C GLU A 231 3.75 -23.25 21.93
N ILE A 232 4.87 -23.46 21.28
CA ILE A 232 6.03 -22.60 21.46
C ILE A 232 5.80 -21.25 20.81
N HIS A 233 5.23 -21.26 19.61
CA HIS A 233 4.93 -20.05 18.85
C HIS A 233 4.06 -19.10 19.68
N TYR A 234 2.95 -19.59 20.20
CA TYR A 234 2.05 -18.74 20.98
C TYR A 234 2.61 -18.32 22.32
N TYR A 235 3.52 -19.12 22.85
CA TYR A 235 4.15 -18.80 24.12
C TYR A 235 5.10 -17.62 23.88
N LEU A 236 5.81 -17.68 22.76
CA LEU A 236 6.78 -16.66 22.39
C LEU A 236 6.20 -15.46 21.65
N HIS A 237 4.90 -15.50 21.34
CA HIS A 237 4.29 -14.41 20.59
C HIS A 237 4.49 -13.02 21.19
N ASP A 238 4.32 -12.88 22.50
CA ASP A 238 4.51 -11.59 23.15
C ASP A 238 5.94 -11.07 22.93
N LEU A 239 6.92 -11.98 22.97
CA LEU A 239 8.31 -11.58 22.75
C LEU A 239 8.51 -11.15 21.30
N PHE A 240 7.97 -11.93 20.36
CA PHE A 240 8.11 -11.62 18.94
C PHE A 240 7.57 -10.22 18.61
N LYS A 241 6.45 -9.87 19.21
CA LYS A 241 5.85 -8.55 18.94
C LYS A 241 6.60 -7.39 19.59
N VAL A 242 6.94 -7.51 20.87
CA VAL A 242 7.63 -6.41 21.55
C VAL A 242 9.00 -6.09 20.95
N LEU A 243 9.67 -7.07 20.36
CA LEU A 243 10.98 -6.82 19.75
C LEU A 243 10.89 -5.90 18.55
N PHE A 244 9.66 -5.60 18.13
CA PHE A 244 9.45 -4.70 16.99
C PHE A 244 8.58 -3.51 17.33
N ILE A 245 8.48 -3.19 18.63
CA ILE A 245 7.68 -2.05 19.07
C ILE A 245 8.31 -0.78 18.51
N GLU A 246 9.60 -0.88 18.19
CA GLU A 246 10.36 0.20 17.58
C GLU A 246 11.24 -0.50 16.56
N THR A 247 11.71 0.25 15.55
CA THR A 247 12.54 -0.33 14.50
C THR A 247 13.66 -1.26 14.98
N ASN A 248 13.65 -2.49 14.48
CA ASN A 248 14.69 -3.46 14.82
C ASN A 248 16.00 -2.85 14.28
N PRO A 249 17.12 -3.00 15.01
CA PRO A 249 17.37 -3.67 16.29
C PRO A 249 17.28 -2.83 17.56
N ILE A 250 16.54 -1.73 17.56
CA ILE A 250 16.47 -0.94 18.77
C ILE A 250 15.96 -1.76 19.98
N PRO A 251 14.83 -2.47 19.83
CA PRO A 251 14.33 -3.26 20.95
C PRO A 251 15.23 -4.44 21.35
N VAL A 252 15.70 -5.20 20.38
CA VAL A 252 16.53 -6.36 20.69
C VAL A 252 17.86 -5.99 21.33
N LYS A 253 18.49 -4.92 20.88
CA LYS A 253 19.76 -4.52 21.48
C LYS A 253 19.47 -4.05 22.91
N THR A 254 18.34 -3.37 23.10
CA THR A 254 17.97 -2.90 24.43
C THR A 254 17.72 -4.09 25.35
N ALA A 255 17.11 -5.14 24.81
CA ALA A 255 16.84 -6.33 25.61
C ALA A 255 18.14 -7.00 26.04
N CYS A 256 19.08 -7.11 25.12
CA CYS A 256 20.38 -7.71 25.42
C CYS A 256 21.09 -6.89 26.49
N TRP A 257 20.90 -5.57 26.45
CA TRP A 257 21.51 -4.70 27.45
C TRP A 257 20.92 -5.02 28.81
N MET A 258 19.60 -5.20 28.84
CA MET A 258 18.89 -5.53 30.07
C MET A 258 19.39 -6.85 30.65
N LEU A 259 19.79 -7.76 29.77
CA LEU A 259 20.31 -9.05 30.20
C LEU A 259 21.80 -8.97 30.48
N GLY A 260 22.35 -7.77 30.39
CA GLY A 260 23.77 -7.56 30.65
C GLY A 260 24.71 -8.14 29.61
N MET A 261 24.24 -8.26 28.37
CA MET A 261 25.05 -8.82 27.29
C MET A 261 25.78 -7.78 26.46
N CYS A 262 25.45 -6.51 26.67
CA CYS A 262 26.09 -5.44 25.92
C CYS A 262 25.77 -4.09 26.53
N GLU A 263 26.46 -3.07 26.06
CA GLU A 263 26.24 -1.72 26.53
C GLU A 263 25.01 -1.18 25.81
N LYS A 264 24.32 -0.26 26.44
CA LYS A 264 23.13 0.36 25.85
C LYS A 264 23.67 1.47 24.95
N GLU A 265 24.19 1.08 23.78
CA GLU A 265 24.76 2.05 22.86
C GLU A 265 24.50 1.71 21.40
N PHE A 266 23.91 2.66 20.68
CA PHE A 266 23.62 2.51 19.25
C PHE A 266 24.41 3.58 18.52
N ARG A 267 24.34 3.55 17.20
CA ARG A 267 25.00 4.56 16.40
C ARG A 267 23.92 5.27 15.61
N LEU A 268 23.92 6.61 15.67
CA LEU A 268 22.93 7.39 14.94
C LEU A 268 22.98 6.97 13.47
N PRO A 269 21.85 7.06 12.75
CA PRO A 269 20.52 7.50 13.20
C PRO A 269 19.72 6.65 14.18
N LEU A 270 20.25 5.52 14.65
CA LEU A 270 19.50 4.72 15.62
C LEU A 270 19.62 5.35 17.00
N THR A 271 18.57 5.25 17.80
CA THR A 271 18.54 5.84 19.13
C THR A 271 17.90 4.92 20.17
N GLU A 272 18.07 5.26 21.43
CA GLU A 272 17.48 4.48 22.51
C GLU A 272 15.96 4.56 22.40
N MET A 273 15.27 3.60 22.98
CA MET A 273 13.82 3.54 22.96
C MET A 273 13.24 4.68 23.78
N SER A 274 11.94 4.92 23.59
CA SER A 274 11.26 5.94 24.37
C SER A 274 11.09 5.27 25.72
N PRO A 275 11.15 6.05 26.82
CA PRO A 275 11.00 5.43 28.15
C PRO A 275 9.76 4.54 28.25
N GLU A 276 8.64 4.98 27.69
CA GLU A 276 7.41 4.20 27.74
C GLU A 276 7.59 2.83 27.07
N ASN A 277 8.15 2.84 25.86
CA ASN A 277 8.38 1.58 25.14
C ASN A 277 9.42 0.71 25.82
N GLU A 278 10.48 1.33 26.32
CA GLU A 278 11.51 0.56 27.00
C GLU A 278 10.93 -0.16 28.22
N ASN A 279 9.97 0.47 28.90
CA ASN A 279 9.35 -0.14 30.06
C ASN A 279 8.44 -1.29 29.66
N LYS A 280 7.80 -1.15 28.51
CA LYS A 280 6.92 -2.20 28.00
C LYS A 280 7.80 -3.42 27.74
N LEU A 281 8.96 -3.19 27.14
CA LEU A 281 9.89 -4.27 26.84
C LEU A 281 10.32 -4.97 28.12
N ARG A 282 10.75 -4.19 29.11
CA ARG A 282 11.19 -4.77 30.37
C ARG A 282 10.10 -5.65 30.98
N GLU A 283 8.86 -5.16 30.95
CA GLU A 283 7.76 -5.92 31.51
C GLU A 283 7.54 -7.23 30.78
N VAL A 284 7.71 -7.22 29.46
CA VAL A 284 7.54 -8.46 28.70
C VAL A 284 8.64 -9.47 29.08
N LEU A 285 9.88 -9.00 29.11
CA LEU A 285 10.99 -9.89 29.45
C LEU A 285 10.77 -10.53 30.82
N LYS A 286 10.23 -9.74 31.75
CA LYS A 286 9.97 -10.23 33.10
C LYS A 286 8.90 -11.31 33.12
N LYS A 287 7.90 -11.19 32.26
CA LYS A 287 6.84 -12.19 32.20
C LYS A 287 7.45 -13.52 31.75
N TYR A 288 8.55 -13.44 31.01
CA TYR A 288 9.23 -14.65 30.54
C TYR A 288 10.25 -15.10 31.58
N ASN A 289 10.28 -14.38 32.71
CA ASN A 289 11.18 -14.69 33.81
C ASN A 289 12.65 -14.70 33.40
N LEU A 290 13.03 -13.79 32.52
CA LEU A 290 14.41 -13.71 32.08
C LEU A 290 15.23 -13.01 33.15
N PRO A 291 16.45 -13.51 33.42
CA PRO A 291 17.34 -12.92 34.43
C PRO A 291 17.94 -11.60 33.94
N LEU A 292 17.27 -10.49 34.27
CA LEU A 292 17.74 -9.18 33.86
C LEU A 292 18.85 -8.66 34.76
N LYS A 293 19.94 -8.18 34.16
CA LYS A 293 21.07 -7.66 34.91
C LYS A 293 20.98 -6.14 35.03
N ASN A 294 20.32 -5.52 34.05
CA ASN A 294 20.15 -4.06 34.05
C ASN A 294 18.68 -3.71 33.88
N PHE B 2 16.84 28.67 -1.74
CA PHE B 2 16.80 27.70 -2.88
C PHE B 2 15.46 27.76 -3.58
N GLN B 3 15.48 28.01 -4.89
CA GLN B 3 14.26 28.10 -5.68
C GLN B 3 14.59 27.95 -7.15
N GLY B 4 13.56 28.07 -7.99
CA GLY B 4 13.77 27.98 -9.43
C GLY B 4 13.99 26.59 -9.98
N SER B 5 14.68 26.54 -11.11
CA SER B 5 14.96 25.28 -11.79
C SER B 5 16.33 24.75 -11.36
N ILE B 6 16.32 23.70 -10.55
CA ILE B 6 17.55 23.08 -10.06
C ILE B 6 17.66 21.70 -10.71
N VAL B 7 18.83 21.37 -11.21
CA VAL B 7 19.01 20.08 -11.86
C VAL B 7 19.69 19.02 -11.02
N ALA B 8 19.05 17.86 -10.92
CA ALA B 8 19.62 16.73 -10.19
C ALA B 8 20.51 16.11 -11.27
N LEU B 9 21.76 16.58 -11.33
CA LEU B 9 22.69 16.13 -12.36
C LEU B 9 23.15 14.67 -12.31
N ILE B 10 23.26 14.07 -13.49
CA ILE B 10 23.74 12.68 -13.60
C ILE B 10 25.25 12.76 -13.39
N THR B 11 25.87 11.61 -13.11
CA THR B 11 27.32 11.56 -12.94
C THR B 11 27.87 10.72 -14.09
N PRO B 12 28.51 11.36 -15.08
CA PRO B 12 29.07 10.67 -16.23
C PRO B 12 30.20 9.71 -15.84
N PHE B 13 30.21 8.54 -16.46
CA PHE B 13 31.23 7.53 -16.22
C PHE B 13 31.91 7.21 -17.55
N LYS B 14 33.17 6.82 -17.49
CA LYS B 14 33.91 6.46 -18.70
C LYS B 14 34.92 5.40 -18.28
N GLU B 15 34.73 4.21 -18.82
CA GLU B 15 35.56 3.05 -18.52
C GLU B 15 35.87 2.90 -17.02
N GLY B 16 34.82 2.87 -16.21
CA GLY B 16 34.96 2.67 -14.79
C GLY B 16 35.20 3.85 -13.86
N GLU B 17 35.46 5.03 -14.40
CA GLU B 17 35.72 6.20 -13.56
C GLU B 17 34.80 7.36 -13.92
N VAL B 18 34.74 8.34 -13.04
CA VAL B 18 33.93 9.52 -13.28
C VAL B 18 34.56 10.21 -14.48
N ASP B 19 33.72 10.62 -15.43
CA ASP B 19 34.17 11.28 -16.66
C ASP B 19 34.16 12.80 -16.42
N TYR B 20 35.28 13.35 -15.96
CA TYR B 20 35.35 14.78 -15.67
C TYR B 20 35.22 15.72 -16.86
N GLU B 21 35.57 15.28 -18.04
CA GLU B 21 35.42 16.15 -19.20
C GLU B 21 33.94 16.25 -19.50
N ALA B 22 33.23 15.13 -19.37
CA ALA B 22 31.79 15.12 -19.62
C ALA B 22 31.08 15.94 -18.54
N LEU B 23 31.52 15.78 -17.30
CA LEU B 23 30.93 16.51 -16.20
C LEU B 23 31.16 18.00 -16.41
N GLY B 24 32.36 18.36 -16.87
CA GLY B 24 32.67 19.75 -17.13
C GLY B 24 31.74 20.35 -18.16
N ASN B 25 31.49 19.62 -19.24
CA ASN B 25 30.61 20.08 -20.30
C ASN B 25 29.18 20.21 -19.77
N LEU B 26 28.82 19.31 -18.86
CA LEU B 26 27.49 19.32 -18.25
C LEU B 26 27.30 20.63 -17.48
N ILE B 27 28.33 21.03 -16.74
CA ILE B 27 28.28 22.26 -15.97
C ILE B 27 28.08 23.46 -16.89
N GLU B 28 28.88 23.54 -17.95
CA GLU B 28 28.73 24.66 -18.88
C GLU B 28 27.38 24.58 -19.58
N PHE B 29 26.90 23.36 -19.79
CA PHE B 29 25.62 23.17 -20.44
C PHE B 29 24.53 23.87 -19.65
N HIS B 30 24.59 23.77 -18.32
CA HIS B 30 23.61 24.41 -17.48
C HIS B 30 23.86 25.89 -17.25
N VAL B 31 25.11 26.31 -17.32
CA VAL B 31 25.42 27.71 -17.15
C VAL B 31 24.82 28.41 -18.37
N ASP B 32 24.97 27.78 -19.54
CA ASP B 32 24.47 28.35 -20.79
C ASP B 32 22.96 28.34 -20.97
N ASN B 33 22.26 27.44 -20.27
CA ASN B 33 20.81 27.36 -20.42
C ASN B 33 19.96 28.01 -19.34
N GLY B 34 20.61 28.71 -18.39
CA GLY B 34 19.86 29.39 -17.36
C GLY B 34 19.47 28.64 -16.10
N THR B 35 19.89 27.38 -15.98
CA THR B 35 19.57 26.59 -14.79
C THR B 35 20.00 27.39 -13.56
N ASP B 36 19.17 27.34 -12.51
CA ASP B 36 19.47 28.10 -11.30
C ASP B 36 20.51 27.49 -10.37
N ALA B 37 20.55 26.16 -10.31
CA ALA B 37 21.52 25.49 -9.46
C ALA B 37 21.76 24.07 -9.94
N ILE B 38 22.93 23.53 -9.59
CA ILE B 38 23.29 22.19 -9.98
C ILE B 38 23.47 21.34 -8.73
N LEU B 39 22.74 20.23 -8.67
CA LEU B 39 22.83 19.33 -7.53
C LEU B 39 23.66 18.14 -7.99
N VAL B 40 24.83 17.95 -7.38
CA VAL B 40 25.69 16.82 -7.76
C VAL B 40 25.66 15.75 -6.67
N CYS B 41 25.87 14.51 -7.07
CA CYS B 41 25.88 13.37 -6.14
C CYS B 41 24.53 13.09 -5.51
N GLY B 42 23.46 13.32 -6.25
CA GLY B 42 22.15 13.02 -5.73
C GLY B 42 21.81 11.62 -6.21
N THR B 43 20.59 11.17 -5.96
CA THR B 43 20.18 9.84 -6.40
C THR B 43 20.35 9.75 -7.90
N THR B 44 19.96 10.81 -8.60
CA THR B 44 20.08 10.86 -10.04
C THR B 44 21.53 10.82 -10.47
N GLY B 45 22.43 11.22 -9.58
CA GLY B 45 23.85 11.22 -9.87
C GLY B 45 24.53 9.92 -9.45
N GLU B 46 23.72 8.90 -9.19
CA GLU B 46 24.22 7.59 -8.78
C GLU B 46 25.09 7.61 -7.52
N SER B 47 24.67 8.41 -6.55
CA SER B 47 25.35 8.52 -5.27
C SER B 47 25.63 7.14 -4.65
N PRO B 48 24.65 6.21 -4.70
CA PRO B 48 24.82 4.88 -4.12
C PRO B 48 26.06 4.10 -4.56
N THR B 49 26.49 4.28 -5.81
CA THR B 49 27.66 3.56 -6.29
C THR B 49 28.95 4.37 -6.37
N LEU B 50 28.91 5.61 -5.89
CA LEU B 50 30.10 6.46 -5.88
C LEU B 50 30.76 6.26 -4.52
N THR B 51 32.08 6.10 -4.51
CA THR B 51 32.79 5.93 -3.25
C THR B 51 32.71 7.26 -2.51
N PHE B 52 33.15 7.28 -1.25
CA PHE B 52 33.14 8.50 -0.47
C PHE B 52 34.09 9.52 -1.11
N GLU B 53 35.24 9.02 -1.58
CA GLU B 53 36.24 9.86 -2.21
C GLU B 53 35.75 10.47 -3.51
N GLU B 54 34.94 9.72 -4.25
CA GLU B 54 34.40 10.23 -5.50
C GLU B 54 33.38 11.31 -5.19
N HIS B 55 32.65 11.15 -4.10
CA HIS B 55 31.66 12.16 -3.70
C HIS B 55 32.39 13.48 -3.48
N GLU B 56 33.34 13.48 -2.55
CA GLU B 56 34.07 14.70 -2.24
C GLU B 56 34.77 15.26 -3.47
N LYS B 57 35.24 14.38 -4.34
CA LYS B 57 35.93 14.79 -5.55
C LYS B 57 34.97 15.48 -6.51
N VAL B 58 33.81 14.85 -6.73
CA VAL B 58 32.81 15.40 -7.63
C VAL B 58 32.29 16.73 -7.11
N ILE B 59 32.09 16.82 -5.80
CA ILE B 59 31.60 18.04 -5.18
C ILE B 59 32.58 19.20 -5.38
N GLU B 60 33.85 18.97 -5.07
CA GLU B 60 34.85 20.02 -5.23
C GLU B 60 35.01 20.41 -6.70
N PHE B 61 34.98 19.41 -7.59
CA PHE B 61 35.11 19.67 -9.02
C PHE B 61 33.97 20.56 -9.52
N ALA B 62 32.75 20.28 -9.04
CA ALA B 62 31.60 21.07 -9.46
C ALA B 62 31.71 22.51 -8.98
N VAL B 63 32.12 22.69 -7.72
CA VAL B 63 32.25 24.02 -7.16
C VAL B 63 33.35 24.83 -7.86
N LYS B 64 34.54 24.24 -7.98
CA LYS B 64 35.66 24.92 -8.62
C LYS B 64 35.46 25.20 -10.11
N ARG B 65 34.87 24.25 -10.82
CA ARG B 65 34.64 24.46 -12.25
C ARG B 65 33.50 25.44 -12.46
N ALA B 66 32.56 25.47 -11.52
CA ALA B 66 31.42 26.39 -11.61
C ALA B 66 31.91 27.83 -11.44
N ALA B 67 32.81 28.03 -10.50
CA ALA B 67 33.38 29.34 -10.22
C ALA B 67 32.37 30.45 -9.99
N GLY B 68 31.39 30.19 -9.13
CA GLY B 68 30.38 31.21 -8.84
C GLY B 68 29.41 31.53 -9.95
N ARG B 69 29.63 30.95 -11.13
CA ARG B 69 28.74 31.20 -12.27
C ARG B 69 27.38 30.57 -12.07
N ILE B 70 27.33 29.55 -11.23
CA ILE B 70 26.09 28.83 -10.96
C ILE B 70 26.15 28.23 -9.55
N LYS B 71 25.02 28.25 -8.84
CA LYS B 71 24.95 27.70 -7.49
C LYS B 71 25.19 26.19 -7.56
N VAL B 72 25.88 25.65 -6.57
CA VAL B 72 26.16 24.22 -6.52
C VAL B 72 25.68 23.63 -5.19
N ILE B 73 24.87 22.59 -5.30
CA ILE B 73 24.33 21.89 -4.12
C ILE B 73 24.97 20.51 -4.09
N ALA B 74 25.48 20.12 -2.93
CA ALA B 74 26.13 18.82 -2.78
C ALA B 74 25.27 17.78 -2.06
N GLY B 75 25.15 16.60 -2.68
CA GLY B 75 24.41 15.51 -2.06
C GLY B 75 25.38 14.90 -1.08
N THR B 76 25.10 15.02 0.22
CA THR B 76 26.03 14.52 1.22
C THR B 76 25.45 13.59 2.26
N GLY B 77 24.20 13.19 2.09
CA GLY B 77 23.58 12.31 3.07
C GLY B 77 23.77 10.82 2.83
N GLY B 78 23.36 10.03 3.81
CA GLY B 78 23.47 8.59 3.75
C GLY B 78 22.64 8.08 4.91
N ASN B 79 22.85 6.85 5.36
CA ASN B 79 22.06 6.37 6.50
C ASN B 79 22.89 6.18 7.77
N ALA B 80 24.07 6.80 7.80
CA ALA B 80 24.95 6.74 8.97
C ALA B 80 25.27 8.20 9.30
N THR B 81 24.82 8.67 10.46
CA THR B 81 25.02 10.06 10.85
C THR B 81 26.47 10.55 10.84
N HIS B 82 27.39 9.77 11.37
CA HIS B 82 28.79 10.19 11.40
C HIS B 82 29.31 10.50 10.01
N GLU B 83 29.05 9.60 9.06
CA GLU B 83 29.52 9.81 7.68
C GLU B 83 28.90 11.05 7.05
N ALA B 84 27.60 11.24 7.28
CA ALA B 84 26.91 12.40 6.73
C ALA B 84 27.55 13.69 7.25
N VAL B 85 27.92 13.71 8.51
CA VAL B 85 28.56 14.90 9.09
C VAL B 85 29.86 15.20 8.37
N HIS B 86 30.69 14.18 8.18
CA HIS B 86 31.97 14.34 7.51
C HIS B 86 31.84 14.84 6.08
N LEU B 87 30.95 14.22 5.31
CA LEU B 87 30.77 14.62 3.92
C LEU B 87 30.17 16.01 3.79
N THR B 88 29.25 16.35 4.70
CA THR B 88 28.63 17.66 4.67
C THR B 88 29.71 18.71 5.03
N ALA B 89 30.57 18.37 5.97
CA ALA B 89 31.63 19.28 6.38
C ALA B 89 32.55 19.57 5.19
N HIS B 90 32.82 18.54 4.40
CA HIS B 90 33.67 18.70 3.22
C HIS B 90 33.02 19.62 2.18
N ALA B 91 31.71 19.46 1.98
CA ALA B 91 30.98 20.30 1.03
C ALA B 91 31.13 21.76 1.45
N LYS B 92 31.00 22.00 2.75
CA LYS B 92 31.13 23.33 3.32
C LYS B 92 32.56 23.81 3.08
N GLU B 93 33.50 22.93 3.39
CA GLU B 93 34.93 23.18 3.22
C GLU B 93 35.31 23.62 1.80
N VAL B 94 34.81 22.91 0.79
CA VAL B 94 35.13 23.25 -0.59
C VAL B 94 34.28 24.37 -1.18
N GLY B 95 33.35 24.90 -0.40
CA GLY B 95 32.55 26.01 -0.88
C GLY B 95 31.21 25.77 -1.57
N ALA B 96 30.56 24.65 -1.30
CA ALA B 96 29.26 24.38 -1.92
C ALA B 96 28.26 25.37 -1.34
N ASP B 97 27.24 25.74 -2.10
CA ASP B 97 26.24 26.69 -1.61
C ASP B 97 25.23 26.04 -0.67
N GLY B 98 25.09 24.73 -0.78
CA GLY B 98 24.16 24.01 0.07
C GLY B 98 24.42 22.52 0.06
N ALA B 99 23.78 21.82 0.99
CA ALA B 99 23.93 20.39 1.09
C ALA B 99 22.55 19.72 1.14
N LEU B 100 22.35 18.76 0.25
CA LEU B 100 21.09 18.02 0.21
C LEU B 100 21.34 16.77 1.04
N VAL B 101 20.58 16.60 2.11
CA VAL B 101 20.74 15.45 2.99
C VAL B 101 19.49 14.58 3.00
N VAL B 102 19.59 13.40 2.38
CA VAL B 102 18.45 12.50 2.30
C VAL B 102 18.08 11.88 3.64
N VAL B 103 16.79 11.62 3.81
CA VAL B 103 16.28 10.98 4.99
C VAL B 103 16.93 9.58 4.97
N PRO B 104 17.55 9.16 6.08
CA PRO B 104 18.19 7.83 6.10
C PRO B 104 17.36 6.72 5.47
N TYR B 105 17.98 5.98 4.56
CA TYR B 105 17.32 4.86 3.88
C TYR B 105 17.69 3.53 4.52
N TYR B 106 16.84 2.53 4.29
CA TYR B 106 17.05 1.17 4.76
C TYR B 106 16.99 0.85 6.26
N ASN B 107 17.64 1.64 7.12
CA ASN B 107 17.58 1.33 8.55
C ASN B 107 16.37 1.88 9.31
N LYS B 108 15.47 2.55 8.58
CA LYS B 108 14.23 3.11 9.15
C LYS B 108 14.31 3.68 10.57
N PRO B 109 15.05 4.77 10.76
CA PRO B 109 15.17 5.38 12.10
C PRO B 109 13.81 5.84 12.61
N THR B 110 13.68 5.96 13.92
CA THR B 110 12.45 6.45 14.52
C THR B 110 12.46 7.96 14.24
N GLN B 111 11.35 8.64 14.45
CA GLN B 111 11.31 10.08 14.22
C GLN B 111 12.38 10.76 15.08
N ARG B 112 12.54 10.28 16.31
CA ARG B 112 13.54 10.85 17.21
C ARG B 112 14.92 10.68 16.57
N GLY B 113 15.14 9.53 15.93
CA GLY B 113 16.40 9.27 15.27
C GLY B 113 16.62 10.22 14.12
N LEU B 114 15.56 10.50 13.36
CA LEU B 114 15.65 11.40 12.22
C LEU B 114 15.96 12.81 12.73
N TYR B 115 15.32 13.18 13.83
CA TYR B 115 15.55 14.49 14.43
C TYR B 115 17.03 14.63 14.79
N GLU B 116 17.55 13.68 15.56
CA GLU B 116 18.94 13.71 15.97
C GLU B 116 19.90 13.64 14.79
N HIS B 117 19.52 12.90 13.76
CA HIS B 117 20.37 12.78 12.57
C HIS B 117 20.58 14.14 11.90
N PHE B 118 19.48 14.81 11.54
CA PHE B 118 19.58 16.11 10.88
C PHE B 118 20.11 17.21 11.80
N LYS B 119 19.70 17.18 13.06
CA LYS B 119 20.16 18.16 14.03
C LYS B 119 21.68 18.11 14.13
N THR B 120 22.22 16.91 14.27
CA THR B 120 23.66 16.71 14.39
C THR B 120 24.43 17.29 13.20
N VAL B 121 24.00 16.94 12.00
CA VAL B 121 24.64 17.45 10.79
C VAL B 121 24.53 18.99 10.74
N ALA B 122 23.31 19.49 10.94
CA ALA B 122 23.05 20.93 10.90
C ALA B 122 23.87 21.72 11.92
N GLN B 123 23.94 21.24 13.15
CA GLN B 123 24.69 21.92 14.19
C GLN B 123 26.20 21.83 14.02
N GLU B 124 26.65 20.77 13.34
CA GLU B 124 28.08 20.57 13.11
C GLU B 124 28.61 21.35 11.92
N VAL B 125 27.80 21.49 10.88
CA VAL B 125 28.24 22.20 9.69
C VAL B 125 27.36 23.41 9.36
N ASP B 126 27.95 24.60 9.42
CA ASP B 126 27.20 25.80 9.12
C ASP B 126 27.04 26.02 7.62
N ILE B 127 26.18 25.21 7.01
CA ILE B 127 25.90 25.30 5.58
C ILE B 127 24.40 25.12 5.43
N PRO B 128 23.80 25.81 4.46
CA PRO B 128 22.34 25.66 4.26
C PRO B 128 22.05 24.20 3.91
N ILE B 129 21.08 23.62 4.61
CA ILE B 129 20.71 22.22 4.40
C ILE B 129 19.31 22.01 3.84
N ILE B 130 19.21 21.13 2.85
CA ILE B 130 17.94 20.81 2.23
C ILE B 130 17.64 19.35 2.57
N ILE B 131 16.53 19.14 3.27
CA ILE B 131 16.12 17.78 3.62
C ILE B 131 15.57 17.14 2.36
N TYR B 132 15.88 15.87 2.14
CA TYR B 132 15.40 15.18 0.98
C TYR B 132 14.54 14.00 1.39
N ASN B 133 13.23 14.16 1.24
CA ASN B 133 12.26 13.13 1.60
C ASN B 133 11.76 12.40 0.36
N ILE B 134 11.98 11.10 0.33
CA ILE B 134 11.52 10.25 -0.78
C ILE B 134 11.26 8.85 -0.23
N PRO B 135 10.10 8.67 0.42
CA PRO B 135 9.66 7.41 1.03
C PRO B 135 9.69 6.20 0.10
N SER B 136 9.43 6.43 -1.19
CA SER B 136 9.41 5.33 -2.15
C SER B 136 10.79 4.68 -2.32
N ARG B 137 11.83 5.38 -1.88
CA ARG B 137 13.19 4.85 -1.97
C ARG B 137 13.81 4.58 -0.59
N THR B 138 13.56 5.47 0.36
CA THR B 138 14.12 5.34 1.72
C THR B 138 13.33 4.37 2.58
N CYS B 139 12.07 4.17 2.22
CA CYS B 139 11.20 3.27 2.94
C CYS B 139 10.90 3.76 4.37
N VAL B 140 10.91 5.08 4.54
CA VAL B 140 10.60 5.73 5.81
C VAL B 140 10.31 7.20 5.45
N GLU B 141 9.55 7.91 6.27
CA GLU B 141 9.24 9.30 5.96
C GLU B 141 9.41 10.20 7.18
N ILE B 142 10.06 11.35 6.98
CA ILE B 142 10.25 12.28 8.07
C ILE B 142 8.92 13.01 8.23
N SER B 143 8.35 12.95 9.44
CA SER B 143 7.06 13.58 9.72
C SER B 143 7.11 15.10 9.70
N VAL B 144 5.96 15.72 9.45
CA VAL B 144 5.94 17.18 9.42
C VAL B 144 6.26 17.70 10.83
N ASP B 145 5.88 16.96 11.86
CA ASP B 145 6.18 17.38 13.23
C ASP B 145 7.70 17.46 13.40
N THR B 146 8.40 16.46 12.88
CA THR B 146 9.85 16.40 12.99
C THR B 146 10.50 17.53 12.18
N MET B 147 9.98 17.78 10.98
CA MET B 147 10.52 18.85 10.14
C MET B 147 10.35 20.20 10.83
N PHE B 148 9.16 20.42 11.40
CA PHE B 148 8.86 21.68 12.09
C PHE B 148 9.87 21.89 13.22
N LYS B 149 10.06 20.87 14.05
CA LYS B 149 10.98 20.92 15.18
C LYS B 149 12.42 21.22 14.69
N LEU B 150 12.82 20.52 13.64
CA LEU B 150 14.15 20.68 13.06
C LEU B 150 14.35 22.09 12.50
N ALA B 151 13.37 22.56 11.73
CA ALA B 151 13.48 23.89 11.14
C ALA B 151 13.42 24.97 12.21
N SER B 152 12.73 24.70 13.30
CA SER B 152 12.58 25.67 14.40
C SER B 152 13.87 25.82 15.21
N GLU B 153 14.59 24.71 15.38
CA GLU B 153 15.82 24.73 16.15
C GLU B 153 17.08 25.00 15.34
N CYS B 154 17.10 24.58 14.09
CA CYS B 154 18.27 24.79 13.25
C CYS B 154 18.03 25.84 12.17
N GLU B 155 18.68 26.99 12.33
CA GLU B 155 18.53 28.08 11.38
C GLU B 155 19.00 27.70 9.98
N ASN B 156 19.96 26.78 9.88
CA ASN B 156 20.45 26.39 8.56
C ASN B 156 19.66 25.28 7.85
N ILE B 157 18.65 24.73 8.49
CA ILE B 157 17.81 23.72 7.83
C ILE B 157 16.73 24.61 7.23
N VAL B 158 16.89 24.92 5.95
CA VAL B 158 15.99 25.86 5.27
C VAL B 158 15.06 25.35 4.17
N ALA B 159 15.21 24.10 3.76
CA ALA B 159 14.36 23.61 2.70
C ALA B 159 14.13 22.11 2.71
N SER B 160 13.25 21.66 1.82
CA SER B 160 12.98 20.25 1.70
C SER B 160 12.64 19.85 0.27
N LYS B 161 13.30 18.81 -0.22
CA LYS B 161 13.03 18.30 -1.55
C LYS B 161 12.00 17.21 -1.28
N GLU B 162 10.79 17.40 -1.79
CA GLU B 162 9.71 16.43 -1.57
C GLU B 162 9.35 15.58 -2.77
N SER B 163 9.80 14.33 -2.76
CA SER B 163 9.46 13.40 -3.82
C SER B 163 8.33 12.58 -3.21
N THR B 164 7.15 13.20 -3.15
CA THR B 164 5.95 12.58 -2.60
C THR B 164 4.75 12.91 -3.47
N PRO B 165 3.80 11.98 -3.59
CA PRO B 165 2.61 12.24 -4.40
C PRO B 165 1.48 12.81 -3.54
N ASN B 166 1.77 13.04 -2.26
CA ASN B 166 0.78 13.55 -1.32
C ASN B 166 0.74 15.08 -1.23
N MET B 167 -0.18 15.69 -1.97
CA MET B 167 -0.29 17.14 -1.96
C MET B 167 -0.66 17.68 -0.58
N ASP B 168 -1.37 16.86 0.22
CA ASP B 168 -1.76 17.30 1.56
C ASP B 168 -0.53 17.53 2.44
N ARG B 169 0.49 16.71 2.24
CA ARG B 169 1.73 16.86 3.00
C ARG B 169 2.37 18.20 2.61
N ILE B 170 2.30 18.54 1.33
CA ILE B 170 2.85 19.79 0.86
C ILE B 170 2.12 20.96 1.55
N SER B 171 0.79 20.86 1.61
CA SER B 171 0.01 21.90 2.29
C SER B 171 0.41 22.03 3.75
N GLU B 172 0.55 20.89 4.44
CA GLU B 172 0.90 20.92 5.86
C GLU B 172 2.27 21.57 6.09
N ILE B 173 3.24 21.23 5.24
CA ILE B 173 4.58 21.80 5.38
C ILE B 173 4.54 23.31 5.12
N VAL B 174 3.91 23.72 4.04
CA VAL B 174 3.82 25.14 3.72
C VAL B 174 3.13 25.89 4.85
N LYS B 175 2.01 25.34 5.33
CA LYS B 175 1.24 25.96 6.41
C LYS B 175 1.97 26.01 7.75
N ARG B 176 2.51 24.87 8.16
CA ARG B 176 3.19 24.79 9.45
C ARG B 176 4.57 25.41 9.55
N LEU B 177 5.42 25.21 8.55
CA LEU B 177 6.76 25.79 8.60
C LEU B 177 6.76 27.23 8.10
N GLY B 178 7.80 27.98 8.43
CA GLY B 178 7.87 29.38 8.02
C GLY B 178 7.67 29.69 6.55
N GLU B 179 7.34 30.94 6.26
CA GLU B 179 7.16 31.37 4.88
C GLU B 179 8.55 31.31 4.29
N SER B 180 9.53 31.45 5.18
CA SER B 180 10.94 31.43 4.81
C SER B 180 11.33 30.03 4.33
N PHE B 181 10.88 29.00 5.04
CA PHE B 181 11.21 27.63 4.65
C PHE B 181 10.80 27.43 3.21
N SER B 182 11.58 26.62 2.49
CA SER B 182 11.30 26.38 1.09
C SER B 182 11.03 24.92 0.74
N VAL B 183 9.91 24.69 0.07
CA VAL B 183 9.55 23.35 -0.37
C VAL B 183 9.88 23.28 -1.85
N LEU B 184 10.72 22.32 -2.23
CA LEU B 184 11.11 22.13 -3.61
C LEU B 184 10.50 20.83 -4.09
N SER B 185 9.88 20.85 -5.26
CA SER B 185 9.28 19.64 -5.82
C SER B 185 10.37 18.62 -6.13
N GLY B 186 10.10 17.36 -5.79
CA GLY B 186 11.05 16.31 -6.04
C GLY B 186 10.61 15.44 -7.21
N ASP B 187 9.55 15.86 -7.89
CA ASP B 187 9.02 15.14 -9.04
C ASP B 187 8.54 16.09 -10.12
N ASP B 188 9.16 16.03 -11.28
CA ASP B 188 8.84 16.90 -12.39
C ASP B 188 7.34 16.98 -12.70
N SER B 189 6.70 15.82 -12.66
CA SER B 189 5.27 15.72 -12.95
C SER B 189 4.38 16.43 -11.92
N LEU B 190 4.93 16.68 -10.73
CA LEU B 190 4.17 17.32 -9.67
C LEU B 190 4.57 18.76 -9.39
N THR B 191 5.53 19.28 -10.14
CA THR B 191 5.99 20.65 -9.94
C THR B 191 4.86 21.68 -10.02
N LEU B 192 4.01 21.59 -11.04
CA LEU B 192 2.91 22.56 -11.18
C LEU B 192 1.98 22.55 -9.98
N PRO B 193 1.39 21.39 -9.63
CA PRO B 193 0.49 21.42 -8.48
C PRO B 193 1.17 21.84 -7.18
N MET B 194 2.42 21.40 -6.96
CA MET B 194 3.11 21.79 -5.74
C MET B 194 3.36 23.29 -5.68
N MET B 195 3.71 23.89 -6.80
CA MET B 195 3.97 25.33 -6.82
C MET B 195 2.67 26.11 -6.66
N ALA B 196 1.57 25.57 -7.17
CA ALA B 196 0.28 26.23 -7.02
C ALA B 196 -0.03 26.29 -5.52
N LEU B 197 0.51 25.31 -4.81
CA LEU B 197 0.32 25.21 -3.36
C LEU B 197 1.33 26.05 -2.59
N GLY B 198 2.37 26.52 -3.27
CA GLY B 198 3.35 27.35 -2.58
C GLY B 198 4.81 26.90 -2.67
N ALA B 199 5.08 25.81 -3.38
CA ALA B 199 6.46 25.33 -3.52
C ALA B 199 7.25 26.41 -4.25
N LYS B 200 8.55 26.50 -3.99
CA LYS B 200 9.40 27.53 -4.60
C LYS B 200 10.14 27.12 -5.87
N GLY B 201 10.06 25.85 -6.24
CA GLY B 201 10.75 25.39 -7.42
C GLY B 201 10.83 23.88 -7.49
N VAL B 202 11.82 23.38 -8.23
CA VAL B 202 11.98 21.94 -8.37
C VAL B 202 13.43 21.51 -8.53
N ILE B 203 13.73 20.32 -8.00
CA ILE B 203 15.05 19.73 -8.16
C ILE B 203 14.63 18.63 -9.13
N SER B 204 14.85 18.94 -10.41
CA SER B 204 14.42 18.10 -11.51
C SER B 204 15.36 17.09 -12.16
N VAL B 205 14.73 16.13 -12.83
CA VAL B 205 15.45 15.09 -13.57
C VAL B 205 15.37 15.52 -15.03
N ALA B 206 14.19 16.00 -15.43
CA ALA B 206 13.96 16.43 -16.80
C ALA B 206 14.90 17.56 -17.18
N ASN B 207 15.32 18.32 -16.17
CA ASN B 207 16.25 19.43 -16.35
C ASN B 207 17.52 19.03 -17.07
N ASN B 208 17.90 17.77 -16.93
CA ASN B 208 19.11 17.27 -17.56
C ASN B 208 19.09 17.32 -19.08
N VAL B 209 17.90 17.27 -19.68
CA VAL B 209 17.81 17.28 -21.14
C VAL B 209 17.07 18.45 -21.77
N MET B 210 16.13 19.05 -21.04
CA MET B 210 15.39 20.20 -21.56
C MET B 210 15.34 21.31 -20.51
N PRO B 211 16.51 21.83 -20.13
CA PRO B 211 16.71 22.90 -19.13
C PRO B 211 15.89 24.17 -19.37
N ARG B 212 15.84 24.61 -20.63
CA ARG B 212 15.12 25.83 -20.97
C ARG B 212 13.61 25.70 -20.77
N GLU B 213 13.03 24.61 -21.26
CA GLU B 213 11.59 24.39 -21.12
C GLU B 213 11.16 24.26 -19.66
N VAL B 214 11.93 23.54 -18.86
CA VAL B 214 11.60 23.36 -17.45
C VAL B 214 11.70 24.71 -16.73
N LYS B 215 12.76 25.46 -17.04
CA LYS B 215 12.97 26.76 -16.43
C LYS B 215 11.75 27.63 -16.74
N GLU B 216 11.22 27.46 -17.95
CA GLU B 216 10.07 28.20 -18.41
C GLU B 216 8.84 27.85 -17.56
N LEU B 217 8.69 26.57 -17.26
CA LEU B 217 7.57 26.10 -16.43
C LEU B 217 7.63 26.77 -15.06
N ILE B 218 8.82 26.76 -14.47
CA ILE B 218 9.05 27.35 -13.16
C ILE B 218 8.76 28.86 -13.14
N ARG B 219 9.25 29.57 -14.14
CA ARG B 219 9.04 31.01 -14.21
C ARG B 219 7.55 31.36 -14.27
N ALA B 220 6.81 30.64 -15.10
CA ALA B 220 5.37 30.88 -15.23
C ALA B 220 4.65 30.64 -13.91
N ALA B 221 5.03 29.57 -13.22
CA ALA B 221 4.43 29.22 -11.94
C ALA B 221 4.73 30.28 -10.89
N LEU B 222 5.99 30.70 -10.83
CA LEU B 222 6.42 31.70 -9.87
C LEU B 222 5.76 33.05 -10.16
N GLU B 223 5.44 33.29 -11.43
CA GLU B 223 4.79 34.54 -11.82
C GLU B 223 3.29 34.45 -11.55
N GLY B 224 2.82 33.24 -11.25
CA GLY B 224 1.40 33.05 -10.97
C GLY B 224 0.57 32.82 -12.23
N ASP B 225 1.25 32.63 -13.37
CA ASP B 225 0.56 32.41 -14.63
C ASP B 225 0.43 30.91 -14.86
N PHE B 226 -0.59 30.31 -14.24
CA PHE B 226 -0.80 28.88 -14.36
C PHE B 226 -1.42 28.46 -15.68
N ARG B 227 -1.96 29.42 -16.42
CA ARG B 227 -2.53 29.12 -17.72
C ARG B 227 -1.34 28.71 -18.59
N ARG B 228 -0.26 29.46 -18.46
CA ARG B 228 0.97 29.20 -19.23
C ARG B 228 1.71 27.99 -18.64
N ALA B 229 1.71 27.88 -17.32
CA ALA B 229 2.38 26.76 -16.67
C ALA B 229 1.74 25.46 -17.17
N ARG B 230 0.42 25.44 -17.28
CA ARG B 230 -0.27 24.25 -17.77
C ARG B 230 0.17 23.94 -19.20
N GLU B 231 0.25 24.98 -20.02
CA GLU B 231 0.67 24.78 -21.40
C GLU B 231 2.01 24.06 -21.46
N ILE B 232 2.97 24.52 -20.66
CA ILE B 232 4.30 23.90 -20.63
C ILE B 232 4.24 22.51 -20.00
N HIS B 233 3.48 22.39 -18.92
CA HIS B 233 3.33 21.12 -18.21
C HIS B 233 2.86 20.02 -19.15
N TYR B 234 1.73 20.24 -19.81
CA TYR B 234 1.20 19.23 -20.72
C TYR B 234 2.06 19.00 -21.96
N TYR B 235 2.83 20.00 -22.34
CA TYR B 235 3.73 19.85 -23.49
C TYR B 235 4.85 18.89 -23.11
N LEU B 236 5.41 19.05 -21.91
CA LEU B 236 6.50 18.21 -21.44
C LEU B 236 6.02 16.91 -20.77
N HIS B 237 4.71 16.73 -20.66
CA HIS B 237 4.17 15.53 -20.03
C HIS B 237 4.81 14.23 -20.51
N ASP B 238 4.86 14.03 -21.82
CA ASP B 238 5.44 12.82 -22.38
C ASP B 238 6.89 12.64 -21.95
N LEU B 239 7.64 13.75 -21.88
CA LEU B 239 9.04 13.67 -21.46
C LEU B 239 9.08 13.24 -20.00
N PHE B 240 8.27 13.90 -19.17
CA PHE B 240 8.21 13.58 -17.75
C PHE B 240 7.96 12.09 -17.51
N LYS B 241 6.99 11.53 -18.23
CA LYS B 241 6.65 10.12 -18.07
C LYS B 241 7.73 9.17 -18.58
N VAL B 242 8.27 9.42 -19.77
CA VAL B 242 9.27 8.52 -20.33
C VAL B 242 10.55 8.46 -19.49
N LEU B 243 10.88 9.55 -18.81
CA LEU B 243 12.07 9.59 -17.98
C LEU B 243 12.00 8.65 -16.78
N PHE B 244 10.85 8.04 -16.57
CA PHE B 244 10.68 7.10 -15.46
C PHE B 244 10.11 5.78 -15.92
N ILE B 245 10.32 5.47 -17.20
CA ILE B 245 9.82 4.22 -17.76
C ILE B 245 10.58 3.07 -17.08
N GLU B 246 11.78 3.38 -16.60
CA GLU B 246 12.61 2.44 -15.85
C GLU B 246 13.16 3.29 -14.70
N THR B 247 13.62 2.64 -13.64
CA THR B 247 14.14 3.38 -12.49
C THR B 247 15.11 4.53 -12.81
N ASN B 248 14.81 5.71 -12.29
CA ASN B 248 15.67 6.89 -12.47
C ASN B 248 16.97 6.57 -11.73
N PRO B 249 18.13 6.95 -12.29
CA PRO B 249 18.43 7.70 -13.51
C PRO B 249 18.67 6.90 -14.79
N ILE B 250 18.23 5.65 -14.85
CA ILE B 250 18.48 4.88 -16.06
C ILE B 250 18.00 5.61 -17.32
N PRO B 251 16.72 6.03 -17.35
CA PRO B 251 16.24 6.73 -18.54
C PRO B 251 16.95 8.06 -18.86
N VAL B 252 17.10 8.92 -17.85
CA VAL B 252 17.72 10.22 -18.10
C VAL B 252 19.17 10.14 -18.54
N LYS B 253 19.95 9.22 -17.97
CA LYS B 253 21.34 9.11 -18.39
C LYS B 253 21.39 8.60 -19.83
N THR B 254 20.49 7.68 -20.15
CA THR B 254 20.43 7.13 -21.50
C THR B 254 20.09 8.26 -22.46
N ALA B 255 19.21 9.15 -22.04
CA ALA B 255 18.80 10.29 -22.85
C ALA B 255 19.99 11.23 -23.07
N CYS B 256 20.76 11.49 -22.01
CA CYS B 256 21.93 12.35 -22.11
C CYS B 256 22.94 11.73 -23.08
N TRP B 257 23.00 10.40 -23.08
CA TRP B 257 23.90 9.69 -23.99
C TRP B 257 23.47 9.91 -25.42
N MET B 258 22.16 9.78 -25.68
CA MET B 258 21.65 9.98 -27.03
C MET B 258 21.95 11.41 -27.49
N LEU B 259 21.93 12.34 -26.54
CA LEU B 259 22.20 13.74 -26.85
C LEU B 259 23.70 14.01 -26.92
N GLY B 260 24.49 12.94 -26.76
CA GLY B 260 25.94 13.07 -26.82
C GLY B 260 26.55 13.82 -25.65
N MET B 261 25.93 13.70 -24.47
CA MET B 261 26.41 14.39 -23.29
C MET B 261 27.21 13.50 -22.32
N CYS B 262 27.27 12.21 -22.61
CA CYS B 262 28.00 11.27 -21.76
C CYS B 262 28.04 9.88 -22.37
N GLU B 263 28.94 9.04 -21.88
CA GLU B 263 29.04 7.67 -22.38
C GLU B 263 27.81 6.92 -21.86
N LYS B 264 27.48 5.82 -22.49
CA LYS B 264 26.34 5.03 -22.05
C LYS B 264 26.90 4.04 -21.04
N GLU B 265 27.18 4.52 -19.84
CA GLU B 265 27.77 3.68 -18.81
C GLU B 265 27.22 3.92 -17.40
N PHE B 266 26.73 2.86 -16.79
CA PHE B 266 26.20 2.91 -15.42
C PHE B 266 27.06 2.04 -14.53
N ARG B 267 26.81 2.10 -13.23
CA ARG B 267 27.51 1.24 -12.30
C ARG B 267 26.48 0.28 -11.72
N LEU B 268 26.79 -1.02 -11.76
CA LEU B 268 25.87 -2.02 -11.22
C LEU B 268 25.60 -1.65 -9.77
N PRO B 269 24.39 -1.97 -9.27
CA PRO B 269 23.27 -2.65 -9.94
C PRO B 269 22.47 -1.96 -11.03
N LEU B 270 22.81 -0.73 -11.39
CA LEU B 270 22.04 -0.09 -12.46
C LEU B 270 22.53 -0.67 -13.78
N THR B 271 21.62 -0.78 -14.74
CA THR B 271 21.92 -1.35 -16.05
C THR B 271 21.30 -0.56 -17.18
N GLU B 272 21.70 -0.87 -18.41
CA GLU B 272 21.14 -0.20 -19.58
C GLU B 272 19.67 -0.60 -19.65
N MET B 273 18.87 0.24 -20.32
CA MET B 273 17.44 -0.01 -20.46
C MET B 273 17.22 -1.22 -21.36
N SER B 274 16.04 -1.82 -21.28
CA SER B 274 15.72 -2.94 -22.14
C SER B 274 15.68 -2.29 -23.52
N PRO B 275 16.08 -3.00 -24.57
CA PRO B 275 16.06 -2.41 -25.91
C PRO B 275 14.72 -1.78 -26.32
N GLU B 276 13.62 -2.36 -25.89
CA GLU B 276 12.31 -1.81 -26.26
C GLU B 276 11.98 -0.51 -25.53
N ASN B 277 12.43 -0.38 -24.29
CA ASN B 277 12.18 0.85 -23.55
C ASN B 277 13.09 1.96 -24.07
N GLU B 278 14.30 1.61 -24.48
CA GLU B 278 15.24 2.59 -25.02
C GLU B 278 14.70 3.11 -26.35
N ASN B 279 14.01 2.25 -27.09
CA ASN B 279 13.40 2.65 -28.36
C ASN B 279 12.31 3.65 -28.08
N LYS B 280 11.55 3.40 -27.01
CA LYS B 280 10.47 4.29 -26.61
C LYS B 280 11.02 5.66 -26.26
N LEU B 281 12.10 5.68 -25.49
CA LEU B 281 12.73 6.92 -25.10
C LEU B 281 13.16 7.72 -26.32
N ARG B 282 13.82 7.05 -27.25
CA ARG B 282 14.29 7.68 -28.47
C ARG B 282 13.13 8.34 -29.22
N GLU B 283 12.03 7.61 -29.39
CA GLU B 283 10.86 8.15 -30.10
C GLU B 283 10.35 9.42 -29.42
N VAL B 284 10.28 9.41 -28.09
CA VAL B 284 9.81 10.58 -27.36
C VAL B 284 10.75 11.76 -27.56
N LEU B 285 12.05 11.52 -27.44
CA LEU B 285 13.03 12.58 -27.62
C LEU B 285 12.92 13.20 -29.01
N LYS B 286 12.80 12.37 -30.03
CA LYS B 286 12.68 12.86 -31.41
C LYS B 286 11.42 13.69 -31.58
N LYS B 287 10.42 13.41 -30.76
CA LYS B 287 9.16 14.14 -30.80
C LYS B 287 9.32 15.56 -30.29
N TYR B 288 10.32 15.79 -29.45
CA TYR B 288 10.58 17.11 -28.94
C TYR B 288 11.63 17.79 -29.82
N ASN B 289 11.97 17.08 -30.90
CA ASN B 289 12.95 17.50 -31.91
C ASN B 289 14.33 17.82 -31.32
N LEU B 290 14.72 16.98 -30.38
CA LEU B 290 15.99 17.10 -29.75
C LEU B 290 17.05 16.60 -30.71
N PRO B 291 18.19 17.31 -30.76
CA PRO B 291 19.32 16.97 -31.64
C PRO B 291 20.08 15.78 -31.10
N LEU B 292 19.63 14.58 -31.44
CA LEU B 292 20.31 13.39 -30.95
C LEU B 292 21.58 13.14 -31.76
N LYS B 293 22.63 12.75 -31.06
CA LYS B 293 23.92 12.48 -31.68
C LYS B 293 24.22 11.00 -31.67
N ASN B 294 23.53 10.28 -30.81
CA ASN B 294 23.67 8.85 -30.67
C ASN B 294 22.26 8.25 -30.68
N PHE C 2 -20.85 20.64 -15.89
CA PHE C 2 -20.64 20.57 -14.43
C PHE C 2 -19.33 21.24 -14.04
N GLN C 3 -19.41 22.22 -13.15
CA GLN C 3 -18.24 22.96 -12.70
C GLN C 3 -18.59 23.74 -11.44
N GLY C 4 -17.61 24.47 -10.92
CA GLY C 4 -17.82 25.28 -9.75
C GLY C 4 -17.91 24.56 -8.41
N SER C 5 -18.73 25.11 -7.52
CA SER C 5 -18.91 24.56 -6.19
C SER C 5 -20.15 23.68 -6.09
N ILE C 6 -19.94 22.37 -6.00
CA ILE C 6 -21.03 21.40 -5.89
C ILE C 6 -20.97 20.74 -4.51
N VAL C 7 -22.11 20.67 -3.83
CA VAL C 7 -22.12 20.08 -2.50
C VAL C 7 -22.63 18.64 -2.45
N ALA C 8 -21.85 17.78 -1.80
CA ALA C 8 -22.23 16.38 -1.61
C ALA C 8 -23.09 16.50 -0.36
N LEU C 9 -24.38 16.68 -0.58
CA LEU C 9 -25.33 16.88 0.50
C LEU C 9 -25.58 15.69 1.42
N ILE C 10 -25.61 15.97 2.72
CA ILE C 10 -25.89 14.94 3.70
C ILE C 10 -27.38 14.65 3.55
N THR C 11 -27.83 13.54 4.11
CA THR C 11 -29.26 13.22 4.08
C THR C 11 -29.72 13.21 5.53
N PRO C 12 -30.50 14.22 5.92
CA PRO C 12 -31.01 14.31 7.29
C PRO C 12 -31.98 13.19 7.62
N PHE C 13 -31.87 12.66 8.83
CA PHE C 13 -32.76 11.60 9.30
C PHE C 13 -33.44 12.07 10.57
N LYS C 14 -34.64 11.57 10.82
CA LYS C 14 -35.40 11.93 12.02
C LYS C 14 -36.35 10.78 12.32
N GLU C 15 -36.20 10.17 13.48
CA GLU C 15 -37.05 9.06 13.89
C GLU C 15 -36.95 7.88 12.91
N GLY C 16 -35.76 7.66 12.36
CA GLY C 16 -35.59 6.56 11.43
C GLY C 16 -36.08 6.81 10.02
N GLU C 17 -36.53 8.02 9.75
CA GLU C 17 -37.02 8.36 8.41
C GLU C 17 -36.26 9.56 7.85
N VAL C 18 -36.30 9.73 6.53
CA VAL C 18 -35.65 10.86 5.90
C VAL C 18 -36.37 12.10 6.42
N ASP C 19 -35.60 13.10 6.83
CA ASP C 19 -36.17 14.34 7.37
C ASP C 19 -36.31 15.33 6.22
N TYR C 20 -37.44 15.30 5.53
CA TYR C 20 -37.65 16.18 4.39
C TYR C 20 -37.70 17.66 4.73
N GLU C 21 -38.20 18.01 5.92
CA GLU C 21 -38.25 19.40 6.29
C GLU C 21 -36.80 19.90 6.37
N ALA C 22 -35.95 19.11 7.03
CA ALA C 22 -34.55 19.47 7.16
C ALA C 22 -33.85 19.50 5.80
N LEU C 23 -34.21 18.56 4.92
CA LEU C 23 -33.62 18.50 3.59
C LEU C 23 -33.99 19.73 2.79
N GLY C 24 -35.27 20.11 2.84
CA GLY C 24 -35.73 21.28 2.11
C GLY C 24 -34.96 22.52 2.54
N ASN C 25 -34.75 22.66 3.84
CA ASN C 25 -34.03 23.79 4.40
C ASN C 25 -32.56 23.81 3.94
N LEU C 26 -32.00 22.62 3.76
CA LEU C 26 -30.61 22.49 3.31
C LEU C 26 -30.55 23.01 1.88
N ILE C 27 -31.56 22.66 1.09
CA ILE C 27 -31.61 23.10 -0.30
C ILE C 27 -31.71 24.63 -0.37
N GLU C 28 -32.54 25.22 0.49
CA GLU C 28 -32.68 26.68 0.50
C GLU C 28 -31.34 27.29 0.92
N PHE C 29 -30.71 26.69 1.91
CA PHE C 29 -29.42 27.13 2.42
C PHE C 29 -28.41 27.29 1.27
N HIS C 30 -28.35 26.31 0.38
CA HIS C 30 -27.41 26.38 -0.72
C HIS C 30 -27.83 27.34 -1.83
N VAL C 31 -29.13 27.50 -2.04
CA VAL C 31 -29.58 28.44 -3.04
C VAL C 31 -29.16 29.82 -2.53
N ASP C 32 -29.38 30.04 -1.23
CA ASP C 32 -29.06 31.31 -0.60
C ASP C 32 -27.57 31.64 -0.51
N ASN C 33 -26.72 30.61 -0.49
CA ASN C 33 -25.29 30.86 -0.37
C ASN C 33 -24.44 30.70 -1.63
N GLY C 34 -25.08 30.67 -2.79
CA GLY C 34 -24.33 30.59 -4.03
C GLY C 34 -23.79 29.25 -4.53
N THR C 35 -24.14 28.16 -3.88
CA THR C 35 -23.66 26.86 -4.32
C THR C 35 -24.19 26.61 -5.74
N ASP C 36 -23.35 26.06 -6.61
CA ASP C 36 -23.72 25.82 -8.00
C ASP C 36 -24.64 24.62 -8.25
N ALA C 37 -24.42 23.54 -7.51
CA ALA C 37 -25.25 22.37 -7.67
C ALA C 37 -25.27 21.55 -6.38
N ILE C 38 -26.31 20.74 -6.22
CA ILE C 38 -26.43 19.88 -5.06
C ILE C 38 -26.46 18.43 -5.54
N LEU C 39 -25.65 17.60 -4.90
CA LEU C 39 -25.60 16.18 -5.22
C LEU C 39 -26.34 15.49 -4.09
N VAL C 40 -27.44 14.80 -4.41
CA VAL C 40 -28.19 14.10 -3.39
C VAL C 40 -28.00 12.58 -3.53
N CYS C 41 -28.01 11.89 -2.40
CA CYS C 41 -27.84 10.44 -2.38
C CYS C 41 -26.46 9.99 -2.81
N GLY C 42 -25.45 10.74 -2.39
CA GLY C 42 -24.09 10.37 -2.70
C GLY C 42 -23.59 9.65 -1.45
N THR C 43 -22.29 9.38 -1.38
CA THR C 43 -21.69 8.70 -0.24
C THR C 43 -21.95 9.54 1.01
N THR C 44 -21.76 10.84 0.86
CA THR C 44 -21.95 11.79 1.94
C THR C 44 -23.40 11.84 2.37
N GLY C 45 -24.30 11.47 1.46
CA GLY C 45 -25.72 11.47 1.77
C GLY C 45 -26.18 10.12 2.27
N GLU C 46 -25.22 9.27 2.64
CA GLU C 46 -25.50 7.94 3.16
C GLU C 46 -26.32 7.04 2.23
N SER C 47 -26.07 7.15 0.93
CA SER C 47 -26.79 6.31 -0.03
C SER C 47 -26.73 4.81 0.32
N PRO C 48 -25.62 4.34 0.93
CA PRO C 48 -25.55 2.91 1.27
C PRO C 48 -26.70 2.39 2.14
N THR C 49 -27.19 3.23 3.05
CA THR C 49 -28.26 2.82 3.95
C THR C 49 -29.65 3.32 3.59
N LEU C 50 -29.77 4.02 2.47
CA LEU C 50 -31.07 4.48 2.02
C LEU C 50 -31.65 3.36 1.15
N THR C 51 -32.95 3.16 1.19
CA THR C 51 -33.57 2.13 0.36
C THR C 51 -33.68 2.66 -1.07
N PHE C 52 -33.91 1.76 -2.03
CA PHE C 52 -34.05 2.17 -3.42
C PHE C 52 -35.19 3.19 -3.46
N GLU C 53 -36.22 2.91 -2.66
CA GLU C 53 -37.40 3.77 -2.56
C GLU C 53 -37.05 5.18 -2.07
N GLU C 54 -36.26 5.26 -1.00
CA GLU C 54 -35.87 6.55 -0.46
C GLU C 54 -35.00 7.29 -1.46
N HIS C 55 -34.21 6.55 -2.24
CA HIS C 55 -33.40 7.18 -3.27
C HIS C 55 -34.32 7.93 -4.21
N GLU C 56 -35.32 7.22 -4.73
CA GLU C 56 -36.27 7.81 -5.66
C GLU C 56 -36.96 9.03 -5.04
N LYS C 57 -37.44 8.86 -3.82
CA LYS C 57 -38.15 9.93 -3.10
C LYS C 57 -37.29 11.18 -2.88
N VAL C 58 -36.06 10.98 -2.43
CA VAL C 58 -35.15 12.10 -2.17
C VAL C 58 -34.81 12.88 -3.44
N ILE C 59 -34.51 12.15 -4.52
CA ILE C 59 -34.17 12.78 -5.78
C ILE C 59 -35.35 13.60 -6.31
N GLU C 60 -36.53 13.01 -6.32
CA GLU C 60 -37.73 13.71 -6.80
C GLU C 60 -38.03 14.94 -5.94
N PHE C 61 -37.88 14.80 -4.63
CA PHE C 61 -38.11 15.89 -3.71
C PHE C 61 -37.16 17.05 -3.98
N ALA C 62 -35.87 16.73 -4.14
CA ALA C 62 -34.84 17.73 -4.39
C ALA C 62 -35.09 18.55 -5.65
N VAL C 63 -35.39 17.87 -6.75
CA VAL C 63 -35.64 18.55 -8.02
C VAL C 63 -36.85 19.49 -7.89
N LYS C 64 -37.90 19.00 -7.26
CA LYS C 64 -39.13 19.77 -7.06
C LYS C 64 -38.89 20.98 -6.17
N ARG C 65 -38.08 20.81 -5.14
CA ARG C 65 -37.78 21.90 -4.22
C ARG C 65 -36.84 22.92 -4.85
N ALA C 66 -35.69 22.45 -5.35
CA ALA C 66 -34.73 23.34 -5.98
C ALA C 66 -35.43 24.08 -7.12
N ALA C 67 -36.24 23.35 -7.87
CA ALA C 67 -36.99 23.90 -8.98
C ALA C 67 -36.17 24.78 -9.92
N GLY C 68 -35.00 24.28 -10.30
CA GLY C 68 -34.14 24.99 -11.21
C GLY C 68 -33.31 26.14 -10.64
N ARG C 69 -33.49 26.50 -9.38
CA ARG C 69 -32.72 27.60 -8.80
C ARG C 69 -31.28 27.20 -8.57
N ILE C 70 -31.05 25.90 -8.54
CA ILE C 70 -29.71 25.35 -8.35
C ILE C 70 -29.77 24.00 -9.06
N LYS C 71 -28.68 23.58 -9.68
CA LYS C 71 -28.68 22.30 -10.37
C LYS C 71 -28.75 21.16 -9.36
N VAL C 72 -29.41 20.07 -9.76
CA VAL C 72 -29.53 18.90 -8.90
C VAL C 72 -28.92 17.68 -9.58
N ILE C 73 -27.93 17.09 -8.91
CA ILE C 73 -27.25 15.90 -9.42
C ILE C 73 -27.68 14.72 -8.55
N ALA C 74 -28.06 13.63 -9.17
CA ALA C 74 -28.52 12.46 -8.44
C ALA C 74 -27.51 11.31 -8.38
N GLY C 75 -27.25 10.81 -7.17
CA GLY C 75 -26.33 9.70 -7.03
C GLY C 75 -27.20 8.50 -7.39
N THR C 76 -26.88 7.83 -8.49
CA THR C 76 -27.70 6.71 -8.95
C THR C 76 -26.97 5.39 -9.18
N GLY C 77 -25.71 5.30 -8.76
CA GLY C 77 -24.97 4.07 -8.98
C GLY C 77 -24.82 3.14 -7.80
N GLY C 78 -24.40 1.92 -8.10
CA GLY C 78 -24.18 0.89 -7.09
C GLY C 78 -23.25 -0.12 -7.74
N ASN C 79 -23.21 -1.35 -7.26
CA ASN C 79 -22.31 -2.31 -7.91
C ASN C 79 -23.09 -3.35 -8.72
N ALA C 80 -24.32 -3.00 -9.07
CA ALA C 80 -25.18 -3.88 -9.89
C ALA C 80 -25.66 -3.03 -11.06
N THR C 81 -25.26 -3.40 -12.27
CA THR C 81 -25.61 -2.64 -13.46
C THR C 81 -27.12 -2.46 -13.69
N HIS C 82 -27.90 -3.54 -13.62
CA HIS C 82 -29.34 -3.44 -13.84
C HIS C 82 -29.95 -2.39 -12.93
N GLU C 83 -29.61 -2.46 -11.65
CA GLU C 83 -30.10 -1.54 -10.64
C GLU C 83 -29.73 -0.07 -10.95
N ALA C 84 -28.48 0.14 -11.38
CA ALA C 84 -28.02 1.49 -11.69
C ALA C 84 -28.78 2.07 -12.89
N VAL C 85 -29.08 1.22 -13.87
CA VAL C 85 -29.81 1.69 -15.05
C VAL C 85 -31.19 2.22 -14.62
N HIS C 86 -31.90 1.43 -13.83
CA HIS C 86 -33.23 1.83 -13.39
C HIS C 86 -33.24 3.08 -12.53
N LEU C 87 -32.31 3.20 -11.59
CA LEU C 87 -32.28 4.38 -10.74
C LEU C 87 -31.90 5.61 -11.56
N THR C 88 -30.99 5.43 -12.51
CA THR C 88 -30.58 6.55 -13.34
C THR C 88 -31.74 6.96 -14.25
N ALA C 89 -32.50 5.98 -14.71
CA ALA C 89 -33.65 6.27 -15.56
C ALA C 89 -34.65 7.11 -14.77
N HIS C 90 -34.82 6.77 -13.50
CA HIS C 90 -35.73 7.51 -12.64
C HIS C 90 -35.29 8.95 -12.42
N ALA C 91 -33.99 9.15 -12.29
CA ALA C 91 -33.44 10.49 -12.08
C ALA C 91 -33.77 11.38 -13.28
N LYS C 92 -33.58 10.86 -14.48
CA LYS C 92 -33.89 11.62 -15.69
C LYS C 92 -35.39 11.90 -15.74
N GLU C 93 -36.18 10.89 -15.42
CA GLU C 93 -37.64 11.00 -15.41
C GLU C 93 -38.15 12.15 -14.54
N VAL C 94 -37.66 12.21 -13.32
CA VAL C 94 -38.10 13.25 -12.39
C VAL C 94 -37.44 14.62 -12.57
N GLY C 95 -36.57 14.74 -13.56
CA GLY C 95 -35.95 16.03 -13.83
C GLY C 95 -34.57 16.36 -13.27
N ALA C 96 -33.78 15.36 -12.89
CA ALA C 96 -32.44 15.63 -12.38
C ALA C 96 -31.60 16.18 -13.53
N ASP C 97 -30.68 17.10 -13.23
CA ASP C 97 -29.82 17.69 -14.25
C ASP C 97 -28.67 16.77 -14.62
N GLY C 98 -28.34 15.84 -13.73
CA GLY C 98 -27.27 14.92 -14.00
C GLY C 98 -27.33 13.75 -13.05
N ALA C 99 -26.56 12.72 -13.35
CA ALA C 99 -26.51 11.52 -12.51
C ALA C 99 -25.05 11.20 -12.23
N LEU C 100 -24.73 10.97 -10.96
CA LEU C 100 -23.38 10.60 -10.57
C LEU C 100 -23.39 9.10 -10.37
N VAL C 101 -22.55 8.41 -11.13
CA VAL C 101 -22.49 6.95 -11.08
C VAL C 101 -21.14 6.47 -10.58
N VAL C 102 -21.12 5.95 -9.36
CA VAL C 102 -19.87 5.49 -8.76
C VAL C 102 -19.33 4.24 -9.45
N VAL C 103 -18.01 4.11 -9.43
CA VAL C 103 -17.37 2.93 -9.99
C VAL C 103 -17.83 1.82 -9.04
N PRO C 104 -18.29 0.68 -9.58
CA PRO C 104 -18.74 -0.43 -8.72
C PRO C 104 -17.77 -0.81 -7.61
N TYR C 105 -18.29 -0.87 -6.40
CA TYR C 105 -17.50 -1.22 -5.23
C TYR C 105 -17.68 -2.68 -4.84
N TYR C 106 -16.71 -3.19 -4.10
CA TYR C 106 -16.73 -4.55 -3.57
C TYR C 106 -16.55 -5.72 -4.55
N ASN C 107 -17.27 -5.74 -5.66
CA ASN C 107 -17.10 -6.86 -6.59
C ASN C 107 -15.95 -6.78 -7.60
N LYS C 108 -15.18 -5.69 -7.53
CA LYS C 108 -14.00 -5.47 -8.37
C LYS C 108 -14.07 -5.94 -9.82
N PRO C 109 -14.98 -5.35 -10.60
CA PRO C 109 -15.11 -5.73 -12.00
C PRO C 109 -13.81 -5.48 -12.76
N THR C 110 -13.62 -6.20 -13.86
CA THR C 110 -12.43 -6.01 -14.69
C THR C 110 -12.68 -4.69 -15.42
N GLN C 111 -11.68 -4.18 -16.12
CA GLN C 111 -11.87 -2.92 -16.85
C GLN C 111 -12.96 -3.07 -17.90
N ARG C 112 -13.08 -4.27 -18.48
CA ARG C 112 -14.12 -4.53 -19.48
C ARG C 112 -15.49 -4.40 -18.81
N GLY C 113 -15.61 -4.98 -17.62
CA GLY C 113 -16.87 -4.90 -16.90
C GLY C 113 -17.18 -3.45 -16.54
N LEU C 114 -16.14 -2.70 -16.21
CA LEU C 114 -16.30 -1.30 -15.87
C LEU C 114 -16.81 -0.56 -17.11
N TYR C 115 -16.26 -0.92 -18.26
CA TYR C 115 -16.66 -0.31 -19.52
C TYR C 115 -18.13 -0.61 -19.83
N GLU C 116 -18.50 -1.89 -19.74
CA GLU C 116 -19.87 -2.28 -20.02
C GLU C 116 -20.86 -1.68 -19.04
N HIS C 117 -20.46 -1.58 -17.77
CA HIS C 117 -21.32 -1.00 -16.74
C HIS C 117 -21.74 0.42 -17.12
N PHE C 118 -20.76 1.29 -17.27
CA PHE C 118 -21.03 2.69 -17.61
C PHE C 118 -21.65 2.88 -18.98
N LYS C 119 -21.22 2.08 -19.95
CA LYS C 119 -21.76 2.18 -21.30
C LYS C 119 -23.25 1.84 -21.28
N THR C 120 -23.60 0.75 -20.60
CA THR C 120 -24.99 0.31 -20.51
C THR C 120 -25.87 1.39 -19.90
N VAL C 121 -25.41 1.97 -18.79
CA VAL C 121 -26.16 3.02 -18.14
C VAL C 121 -26.29 4.25 -19.06
N ALA C 122 -25.18 4.69 -19.63
CA ALA C 122 -25.16 5.85 -20.51
C ALA C 122 -26.03 5.72 -21.77
N GLN C 123 -26.00 4.55 -22.39
CA GLN C 123 -26.80 4.34 -23.60
C GLN C 123 -28.28 4.16 -23.32
N GLU C 124 -28.63 3.71 -22.12
CA GLU C 124 -30.03 3.50 -21.76
C GLU C 124 -30.71 4.77 -21.30
N VAL C 125 -29.95 5.68 -20.69
CA VAL C 125 -30.54 6.92 -20.18
C VAL C 125 -29.86 8.17 -20.69
N ASP C 126 -30.62 8.99 -21.43
CA ASP C 126 -30.09 10.22 -21.99
C ASP C 126 -30.03 11.33 -20.94
N ILE C 127 -29.05 11.24 -20.04
CA ILE C 127 -28.85 12.24 -19.00
C ILE C 127 -27.34 12.40 -18.82
N PRO C 128 -26.86 13.63 -18.54
CA PRO C 128 -25.43 13.80 -18.36
C PRO C 128 -24.95 12.90 -17.21
N ILE C 129 -23.85 12.19 -17.43
CA ILE C 129 -23.31 11.29 -16.43
C ILE C 129 -21.92 11.68 -15.95
N ILE C 130 -21.75 11.62 -14.63
CA ILE C 130 -20.48 11.92 -13.98
C ILE C 130 -19.98 10.62 -13.35
N ILE C 131 -18.80 10.20 -13.74
CA ILE C 131 -18.21 8.98 -13.18
C ILE C 131 -17.63 9.36 -11.83
N TYR C 132 -17.81 8.50 -10.82
CA TYR C 132 -17.24 8.77 -9.50
C TYR C 132 -16.20 7.72 -9.16
N ASN C 133 -14.94 8.12 -9.24
CA ASN C 133 -13.83 7.22 -8.93
C ASN C 133 -13.28 7.52 -7.54
N ILE C 134 -13.38 6.53 -6.65
CA ILE C 134 -12.87 6.67 -5.30
C ILE C 134 -12.35 5.30 -4.85
N PRO C 135 -11.15 4.92 -5.33
CA PRO C 135 -10.49 3.65 -5.01
C PRO C 135 -10.44 3.28 -3.53
N SER C 136 -10.27 4.28 -2.67
CA SER C 136 -10.19 4.02 -1.23
C SER C 136 -11.47 3.45 -0.63
N ARG C 137 -12.58 3.55 -1.36
CA ARG C 137 -13.86 3.02 -0.91
C ARG C 137 -14.34 1.85 -1.77
N THR C 138 -14.18 1.96 -3.08
CA THR C 138 -14.65 0.92 -4.00
C THR C 138 -13.67 -0.24 -4.13
N CYS C 139 -12.43 0.00 -3.75
CA CYS C 139 -11.38 -0.99 -3.80
C CYS C 139 -11.00 -1.47 -5.23
N VAL C 140 -11.23 -0.59 -6.20
CA VAL C 140 -10.89 -0.84 -7.59
C VAL C 140 -10.82 0.55 -8.24
N GLU C 141 -10.15 0.68 -9.38
CA GLU C 141 -10.07 1.97 -10.04
C GLU C 141 -10.34 1.88 -11.53
N ILE C 142 -11.12 2.82 -12.06
CA ILE C 142 -11.40 2.82 -13.49
C ILE C 142 -10.19 3.50 -14.15
N SER C 143 -9.51 2.77 -15.03
CA SER C 143 -8.33 3.29 -15.70
C SER C 143 -8.65 4.43 -16.64
N VAL C 144 -7.65 5.27 -16.90
CA VAL C 144 -7.84 6.40 -17.81
C VAL C 144 -8.18 5.86 -19.20
N ASP C 145 -7.61 4.71 -19.54
CA ASP C 145 -7.89 4.09 -20.83
C ASP C 145 -9.39 3.83 -20.95
N THR C 146 -9.97 3.20 -19.93
CA THR C 146 -11.38 2.88 -19.93
C THR C 146 -12.22 4.16 -19.97
N MET C 147 -11.80 5.16 -19.21
CA MET C 147 -12.50 6.44 -19.19
C MET C 147 -12.47 7.06 -20.59
N PHE C 148 -11.31 7.01 -21.24
CA PHE C 148 -11.16 7.56 -22.58
C PHE C 148 -12.12 6.88 -23.55
N LYS C 149 -12.22 5.57 -23.45
CA LYS C 149 -13.10 4.79 -24.32
C LYS C 149 -14.56 5.16 -24.07
N LEU C 150 -14.92 5.31 -22.79
CA LEU C 150 -16.30 5.67 -22.44
C LEU C 150 -16.68 7.06 -22.92
N ALA C 151 -15.82 8.04 -22.65
CA ALA C 151 -16.08 9.41 -23.03
C ALA C 151 -16.16 9.58 -24.54
N SER C 152 -15.36 8.80 -25.27
CA SER C 152 -15.34 8.85 -26.72
C SER C 152 -16.61 8.24 -27.32
N GLU C 153 -17.05 7.15 -26.72
CA GLU C 153 -18.22 6.41 -27.18
C GLU C 153 -19.57 7.00 -26.79
N CYS C 154 -19.68 7.45 -25.53
CA CYS C 154 -20.93 8.01 -25.05
C CYS C 154 -20.84 9.52 -24.85
N GLU C 155 -21.58 10.25 -25.66
CA GLU C 155 -21.57 11.71 -25.58
C GLU C 155 -22.05 12.21 -24.23
N ASN C 156 -22.86 11.41 -23.53
CA ASN C 156 -23.38 11.83 -22.24
C ASN C 156 -22.50 11.54 -21.01
N ILE C 157 -21.37 10.86 -21.22
CA ILE C 157 -20.45 10.64 -20.11
C ILE C 157 -19.57 11.88 -20.26
N VAL C 158 -19.86 12.88 -19.44
CA VAL C 158 -19.18 14.17 -19.54
C VAL C 158 -18.19 14.59 -18.48
N ALA C 159 -18.08 13.84 -17.39
CA ALA C 159 -17.16 14.23 -16.34
C ALA C 159 -16.85 13.13 -15.35
N SER C 160 -15.89 13.40 -14.48
CA SER C 160 -15.50 12.45 -13.45
C SER C 160 -15.19 13.17 -12.14
N LYS C 161 -15.75 12.65 -11.06
CA LYS C 161 -15.49 13.18 -9.73
C LYS C 161 -14.31 12.31 -9.30
N GLU C 162 -13.15 12.93 -9.11
CA GLU C 162 -11.96 12.17 -8.76
C GLU C 162 -11.53 12.33 -7.30
N SER C 163 -11.75 11.27 -6.51
CA SER C 163 -11.32 11.26 -5.12
C SER C 163 -10.07 10.41 -5.10
N THR C 164 -8.97 11.00 -5.56
CA THR C 164 -7.68 10.34 -5.64
C THR C 164 -6.60 11.35 -5.28
N PRO C 165 -5.51 10.90 -4.64
CA PRO C 165 -4.42 11.81 -4.26
C PRO C 165 -3.34 11.83 -5.34
N ASN C 166 -3.60 11.14 -6.45
CA ASN C 166 -2.63 11.07 -7.54
C ASN C 166 -2.83 12.16 -8.58
N MET C 167 -2.10 13.26 -8.45
CA MET C 167 -2.21 14.37 -9.40
C MET C 167 -1.84 13.97 -10.82
N ASP C 168 -0.98 12.96 -10.94
CA ASP C 168 -0.55 12.46 -12.24
C ASP C 168 -1.73 11.87 -13.01
N ARG C 169 -2.68 11.30 -12.28
CA ARG C 169 -3.87 10.72 -12.90
C ARG C 169 -4.72 11.87 -13.43
N ILE C 170 -4.80 12.95 -12.65
CA ILE C 170 -5.56 14.12 -13.07
C ILE C 170 -4.94 14.68 -14.36
N SER C 171 -3.61 14.81 -14.40
CA SER C 171 -2.93 15.32 -15.58
C SER C 171 -3.24 14.43 -16.78
N GLU C 172 -3.19 13.12 -16.57
CA GLU C 172 -3.46 12.18 -17.64
C GLU C 172 -4.88 12.31 -18.19
N ILE C 173 -5.85 12.45 -17.30
CA ILE C 173 -7.25 12.59 -17.72
C ILE C 173 -7.44 13.89 -18.49
N VAL C 174 -6.93 14.98 -17.94
CA VAL C 174 -7.07 16.28 -18.59
C VAL C 174 -6.45 16.26 -19.99
N LYS C 175 -5.25 15.71 -20.10
CA LYS C 175 -4.56 15.66 -21.39
C LYS C 175 -5.19 14.70 -22.41
N ARG C 176 -5.57 13.51 -21.95
CA ARG C 176 -6.13 12.52 -22.87
C ARG C 176 -7.58 12.69 -23.26
N LEU C 177 -8.44 13.07 -22.31
CA LEU C 177 -9.84 13.25 -22.64
C LEU C 177 -10.07 14.67 -23.19
N GLY C 178 -11.16 14.83 -23.91
CA GLY C 178 -11.45 16.12 -24.52
C GLY C 178 -11.41 17.36 -23.62
N GLU C 179 -11.54 18.51 -24.27
CA GLU C 179 -11.58 19.79 -23.59
C GLU C 179 -13.00 19.88 -23.05
N SER C 180 -13.88 19.09 -23.65
CA SER C 180 -15.28 19.06 -23.26
C SER C 180 -15.45 18.34 -21.92
N PHE C 181 -14.69 17.26 -21.74
CA PHE C 181 -14.77 16.49 -20.50
C PHE C 181 -14.34 17.33 -19.30
N SER C 182 -15.00 17.13 -18.17
CA SER C 182 -14.69 17.90 -16.97
C SER C 182 -14.26 17.06 -15.78
N VAL C 183 -13.14 17.44 -15.17
CA VAL C 183 -12.65 16.75 -13.99
C VAL C 183 -13.05 17.59 -12.79
N LEU C 184 -13.68 16.95 -11.81
CA LEU C 184 -14.11 17.63 -10.60
C LEU C 184 -13.40 16.98 -9.43
N SER C 185 -12.87 17.81 -8.53
CA SER C 185 -12.17 17.29 -7.37
C SER C 185 -13.17 16.57 -6.46
N GLY C 186 -12.74 15.43 -5.94
CA GLY C 186 -13.58 14.66 -5.03
C GLY C 186 -13.00 14.77 -3.63
N ASP C 187 -12.11 15.74 -3.42
CA ASP C 187 -11.47 15.94 -2.12
C ASP C 187 -11.17 17.42 -1.89
N ASP C 188 -11.82 18.00 -0.89
CA ASP C 188 -11.66 19.42 -0.60
C ASP C 188 -10.22 19.91 -0.51
N SER C 189 -9.36 19.14 0.17
CA SER C 189 -7.97 19.56 0.32
C SER C 189 -7.17 19.50 -0.97
N LEU C 190 -7.71 18.87 -2.01
CA LEU C 190 -6.99 18.77 -3.27
C LEU C 190 -7.58 19.62 -4.39
N THR C 191 -8.63 20.36 -4.07
CA THR C 191 -9.26 21.20 -5.08
C THR C 191 -8.28 22.17 -5.73
N LEU C 192 -7.49 22.87 -4.92
CA LEU C 192 -6.55 23.84 -5.46
C LEU C 192 -5.55 23.20 -6.45
N PRO C 193 -4.77 22.20 -6.01
CA PRO C 193 -3.84 21.60 -6.97
C PRO C 193 -4.50 20.98 -8.20
N MET C 194 -5.67 20.37 -8.04
CA MET C 194 -6.35 19.77 -9.18
C MET C 194 -6.82 20.85 -10.14
N MET C 195 -7.31 21.97 -9.61
CA MET C 195 -7.77 23.03 -10.47
C MET C 195 -6.59 23.73 -11.17
N ALA C 196 -5.45 23.79 -10.49
CA ALA C 196 -4.27 24.40 -11.10
C ALA C 196 -3.90 23.56 -12.32
N LEU C 197 -4.25 22.28 -12.27
CA LEU C 197 -3.97 21.35 -13.37
C LEU C 197 -5.09 21.30 -14.42
N GLY C 198 -6.18 22.01 -14.18
CA GLY C 198 -7.27 22.02 -15.15
C GLY C 198 -8.62 21.49 -14.72
N ALA C 199 -8.75 21.10 -13.44
CA ALA C 199 -10.04 20.60 -12.97
C ALA C 199 -11.01 21.78 -13.02
N LYS C 200 -12.29 21.50 -13.15
CA LYS C 200 -13.27 22.58 -13.28
C LYS C 200 -14.10 22.91 -12.05
N GLY C 201 -13.85 22.21 -10.94
CA GLY C 201 -14.59 22.50 -9.74
C GLY C 201 -14.43 21.39 -8.72
N VAL C 202 -15.35 21.34 -7.76
CA VAL C 202 -15.29 20.32 -6.72
C VAL C 202 -16.67 19.87 -6.30
N ILE C 203 -16.78 18.60 -5.94
CA ILE C 203 -18.01 18.06 -5.40
C ILE C 203 -17.50 17.89 -3.98
N SER C 204 -17.84 18.88 -3.17
CA SER C 204 -17.37 19.02 -1.80
C SER C 204 -18.21 18.56 -0.62
N VAL C 205 -17.49 18.27 0.46
CA VAL C 205 -18.10 17.86 1.72
C VAL C 205 -18.13 19.13 2.56
N ALA C 206 -17.01 19.87 2.53
CA ALA C 206 -16.86 21.10 3.30
C ALA C 206 -17.89 22.18 3.02
N ASN C 207 -18.37 22.31 1.79
CA ASN C 207 -19.36 23.36 1.56
C ASN C 207 -20.72 23.08 2.18
N ASN C 208 -20.85 21.97 2.92
CA ASN C 208 -22.10 21.66 3.60
C ASN C 208 -22.21 22.65 4.77
N VAL C 209 -21.04 23.09 5.24
CA VAL C 209 -21.01 24.00 6.38
C VAL C 209 -20.45 25.39 6.11
N MET C 210 -19.60 25.53 5.09
CA MET C 210 -19.04 26.83 4.73
C MET C 210 -19.12 27.01 3.21
N PRO C 211 -20.35 27.07 2.68
CA PRO C 211 -20.65 27.23 1.26
C PRO C 211 -20.00 28.44 0.61
N ARG C 212 -20.09 29.58 1.28
CA ARG C 212 -19.53 30.82 0.75
C ARG C 212 -18.03 30.79 0.62
N GLU C 213 -17.34 30.32 1.64
CA GLU C 213 -15.89 30.27 1.60
C GLU C 213 -15.37 29.32 0.51
N VAL C 214 -16.00 28.16 0.38
CA VAL C 214 -15.58 27.20 -0.63
C VAL C 214 -15.81 27.79 -2.02
N LYS C 215 -16.97 28.44 -2.20
CA LYS C 215 -17.30 29.06 -3.49
C LYS C 215 -16.21 30.05 -3.88
N GLU C 216 -15.75 30.84 -2.92
CA GLU C 216 -14.72 31.83 -3.19
C GLU C 216 -13.42 31.15 -3.62
N LEU C 217 -13.12 30.01 -3.01
CA LEU C 217 -11.92 29.27 -3.37
C LEU C 217 -12.02 28.85 -4.84
N ILE C 218 -13.16 28.30 -5.22
CA ILE C 218 -13.37 27.86 -6.60
C ILE C 218 -13.31 29.02 -7.58
N ARG C 219 -13.92 30.15 -7.20
CA ARG C 219 -13.92 31.32 -8.09
C ARG C 219 -12.51 31.85 -8.31
N ALA C 220 -11.71 31.91 -7.25
CA ALA C 220 -10.34 32.40 -7.38
C ALA C 220 -9.56 31.49 -8.32
N ALA C 221 -9.75 30.18 -8.16
CA ALA C 221 -9.06 29.22 -9.01
C ALA C 221 -9.51 29.34 -10.47
N LEU C 222 -10.82 29.45 -10.67
CA LEU C 222 -11.35 29.58 -12.02
C LEU C 222 -10.82 30.84 -12.71
N GLU C 223 -10.49 31.86 -11.92
CA GLU C 223 -9.99 33.11 -12.46
C GLU C 223 -8.48 33.06 -12.67
N GLY C 224 -7.83 32.01 -12.17
CA GLY C 224 -6.40 31.89 -12.32
C GLY C 224 -5.60 32.64 -11.27
N ASP C 225 -6.30 33.14 -10.25
CA ASP C 225 -5.66 33.87 -9.16
C ASP C 225 -5.36 32.89 -8.03
N PHE C 226 -4.25 32.19 -8.15
CA PHE C 226 -3.89 31.21 -7.14
C PHE C 226 -3.27 31.76 -5.86
N ARG C 227 -2.95 33.05 -5.87
CA ARG C 227 -2.43 33.68 -4.66
C ARG C 227 -3.62 33.75 -3.72
N ARG C 228 -4.76 34.16 -4.27
CA ARG C 228 -5.99 34.28 -3.49
C ARG C 228 -6.53 32.88 -3.15
N ALA C 229 -6.43 31.96 -4.10
CA ALA C 229 -6.90 30.60 -3.86
C ALA C 229 -6.11 30.00 -2.69
N ARG C 230 -4.81 30.28 -2.65
CA ARG C 230 -3.97 29.78 -1.57
C ARG C 230 -4.36 30.32 -0.21
N GLU C 231 -4.68 31.62 -0.13
CA GLU C 231 -5.04 32.12 1.19
C GLU C 231 -6.35 31.53 1.70
N ILE C 232 -7.26 31.23 0.79
CA ILE C 232 -8.53 30.63 1.20
C ILE C 232 -8.31 29.15 1.54
N HIS C 233 -7.52 28.47 0.72
CA HIS C 233 -7.18 27.06 0.92
C HIS C 233 -6.57 26.89 2.31
N TYR C 234 -5.55 27.68 2.61
CA TYR C 234 -4.91 27.59 3.90
C TYR C 234 -5.78 28.05 5.04
N TYR C 235 -6.69 28.99 4.77
CA TYR C 235 -7.61 29.45 5.80
C TYR C 235 -8.55 28.29 6.19
N LEU C 236 -9.03 27.57 5.19
CA LEU C 236 -9.96 26.45 5.41
C LEU C 236 -9.30 25.09 5.67
N HIS C 237 -7.96 25.03 5.64
CA HIS C 237 -7.28 23.77 5.84
C HIS C 237 -7.73 23.02 7.09
N ASP C 238 -7.77 23.71 8.23
CA ASP C 238 -8.19 23.07 9.47
C ASP C 238 -9.57 22.43 9.35
N LEU C 239 -10.48 23.08 8.64
CA LEU C 239 -11.81 22.53 8.45
C LEU C 239 -11.76 21.30 7.54
N PHE C 240 -11.06 21.43 6.41
CA PHE C 240 -10.93 20.32 5.46
C PHE C 240 -10.44 19.07 6.19
N LYS C 241 -9.45 19.27 7.06
CA LYS C 241 -8.84 18.20 7.83
C LYS C 241 -9.76 17.52 8.84
N VAL C 242 -10.37 18.32 9.71
CA VAL C 242 -11.25 17.77 10.75
C VAL C 242 -12.49 17.07 10.22
N LEU C 243 -12.96 17.46 9.04
CA LEU C 243 -14.15 16.84 8.47
C LEU C 243 -13.89 15.39 8.08
N PHE C 244 -12.64 14.96 8.23
CA PHE C 244 -12.29 13.58 7.90
C PHE C 244 -11.56 12.91 9.06
N ILE C 245 -11.74 13.46 10.26
CA ILE C 245 -11.10 12.89 11.45
C ILE C 245 -11.67 11.49 11.66
N GLU C 246 -12.86 11.28 11.11
CA GLU C 246 -13.53 9.99 11.14
C GLU C 246 -14.18 9.84 9.77
N THR C 247 -14.54 8.61 9.40
CA THR C 247 -15.13 8.36 8.09
C THR C 247 -16.27 9.30 7.69
N ASN C 248 -16.10 9.98 6.56
CA ASN C 248 -17.12 10.87 6.02
C ASN C 248 -18.32 9.97 5.68
N PRO C 249 -19.56 10.45 5.93
CA PRO C 249 -19.97 11.76 6.46
C PRO C 249 -20.19 11.87 7.97
N ILE C 250 -19.53 11.03 8.77
CA ILE C 250 -19.77 11.15 10.21
C ILE C 250 -19.43 12.55 10.73
N PRO C 251 -18.25 13.08 10.40
CA PRO C 251 -17.92 14.42 10.89
C PRO C 251 -18.79 15.56 10.32
N VAL C 252 -18.99 15.57 9.01
CA VAL C 252 -19.78 16.65 8.41
C VAL C 252 -21.24 16.65 8.86
N LYS C 253 -21.85 15.48 9.00
CA LYS C 253 -23.23 15.47 9.47
C LYS C 253 -23.27 15.97 10.91
N THR C 254 -22.25 15.61 11.70
CA THR C 254 -22.20 16.07 13.09
C THR C 254 -22.07 17.59 13.12
N ALA C 255 -21.26 18.13 12.22
CA ALA C 255 -21.06 19.57 12.13
C ALA C 255 -22.38 20.25 11.77
N CYS C 256 -23.12 19.66 10.83
CA CYS C 256 -24.40 20.21 10.43
C CYS C 256 -25.35 20.24 11.62
N TRP C 257 -25.32 19.20 12.44
CA TRP C 257 -26.15 19.12 13.62
C TRP C 257 -25.75 20.24 14.60
N MET C 258 -24.46 20.44 14.80
CA MET C 258 -23.98 21.49 15.69
C MET C 258 -24.48 22.84 15.19
N LEU C 259 -24.62 22.98 13.88
CA LEU C 259 -25.10 24.20 13.26
C LEU C 259 -26.62 24.26 13.26
N GLY C 260 -27.25 23.23 13.81
CA GLY C 260 -28.69 23.17 13.88
C GLY C 260 -29.38 22.90 12.55
N MET C 261 -28.68 22.23 11.63
CA MET C 261 -29.25 21.96 10.31
C MET C 261 -29.90 20.58 10.16
N CYS C 262 -29.72 19.72 11.15
CA CYS C 262 -30.30 18.39 11.10
C CYS C 262 -30.21 17.71 12.46
N GLU C 263 -30.92 16.61 12.62
CA GLU C 263 -30.88 15.87 13.87
C GLU C 263 -29.57 15.07 13.88
N LYS C 264 -29.10 14.74 15.07
CA LYS C 264 -27.87 13.98 15.22
C LYS C 264 -28.28 12.51 15.07
N GLU C 265 -28.49 12.09 13.83
CA GLU C 265 -28.94 10.72 13.58
C GLU C 265 -28.33 10.11 12.31
N PHE C 266 -27.69 8.97 12.49
CA PHE C 266 -27.08 8.22 11.38
C PHE C 266 -27.81 6.90 11.28
N ARG C 267 -27.50 6.15 10.22
CA ARG C 267 -28.07 4.82 10.06
C ARG C 267 -26.90 3.86 10.13
N LEU C 268 -27.00 2.87 11.01
CA LEU C 268 -25.95 1.86 11.17
C LEU C 268 -25.69 1.24 9.81
N PRO C 269 -24.44 0.82 9.55
CA PRO C 269 -23.26 0.86 10.41
C PRO C 269 -22.59 2.20 10.74
N LEU C 270 -23.13 3.33 10.29
CA LEU C 270 -22.51 4.60 10.64
C LEU C 270 -22.98 4.96 12.05
N THR C 271 -22.11 5.60 12.83
CA THR C 271 -22.41 5.95 14.21
C THR C 271 -21.94 7.36 14.53
N GLU C 272 -22.30 7.86 15.71
CA GLU C 272 -21.87 9.18 16.14
C GLU C 272 -20.36 9.07 16.38
N MET C 273 -19.67 10.22 16.35
CA MET C 273 -18.22 10.28 16.54
C MET C 273 -17.78 9.86 17.93
N SER C 274 -16.49 9.55 18.08
CA SER C 274 -15.98 9.21 19.40
C SER C 274 -16.11 10.55 20.13
N PRO C 275 -16.42 10.53 21.43
CA PRO C 275 -16.56 11.78 22.19
C PRO C 275 -15.40 12.76 22.03
N GLU C 276 -14.18 12.27 22.16
CA GLU C 276 -13.01 13.13 22.04
C GLU C 276 -12.92 13.77 20.66
N ASN C 277 -13.27 13.02 19.62
CA ASN C 277 -13.22 13.56 18.28
C ASN C 277 -14.31 14.60 18.04
N GLU C 278 -15.48 14.38 18.60
CA GLU C 278 -16.57 15.33 18.43
C GLU C 278 -16.17 16.65 19.08
N ASN C 279 -15.47 16.58 20.20
CA ASN C 279 -15.02 17.79 20.88
C ASN C 279 -13.97 18.52 20.04
N LYS C 280 -13.12 17.76 19.36
CA LYS C 280 -12.09 18.34 18.51
C LYS C 280 -12.78 19.07 17.36
N LEU C 281 -13.85 18.46 16.84
CA LEU C 281 -14.61 19.08 15.76
C LEU C 281 -15.23 20.39 16.23
N ARG C 282 -15.84 20.37 17.42
CA ARG C 282 -16.45 21.57 17.97
C ARG C 282 -15.41 22.71 18.08
N GLU C 283 -14.22 22.38 18.58
CA GLU C 283 -13.15 23.38 18.71
C GLU C 283 -12.83 24.03 17.37
N VAL C 284 -12.70 23.21 16.33
CA VAL C 284 -12.38 23.72 15.02
C VAL C 284 -13.47 24.63 14.48
N LEU C 285 -14.72 24.23 14.62
CA LEU C 285 -15.83 25.04 14.14
C LEU C 285 -15.88 26.38 14.87
N LYS C 286 -15.54 26.35 16.16
CA LYS C 286 -15.55 27.58 16.97
C LYS C 286 -14.45 28.51 16.48
N LYS C 287 -13.31 27.93 16.10
CA LYS C 287 -12.21 28.72 15.60
C LYS C 287 -12.64 29.50 14.35
N TYR C 288 -13.57 28.93 13.59
CA TYR C 288 -14.06 29.59 12.38
C TYR C 288 -15.24 30.53 12.72
N ASN C 289 -15.52 30.65 14.00
CA ASN C 289 -16.59 31.51 14.49
C ASN C 289 -17.96 31.16 13.91
N LEU C 290 -18.20 29.88 13.66
CA LEU C 290 -19.48 29.46 13.11
C LEU C 290 -20.56 29.50 14.19
N PRO C 291 -21.80 29.84 13.81
CA PRO C 291 -22.92 29.93 14.74
C PRO C 291 -23.45 28.56 15.16
N LEU C 292 -22.86 27.98 16.21
CA LEU C 292 -23.28 26.67 16.68
C LEU C 292 -24.54 26.77 17.53
N LYS C 293 -25.53 25.94 17.19
CA LYS C 293 -26.79 25.93 17.92
C LYS C 293 -26.86 24.76 18.89
N ASN C 294 -26.12 23.70 18.60
CA ASN C 294 -26.10 22.52 19.47
C ASN C 294 -24.67 22.18 19.88
N MET D 1 -16.83 -25.64 15.46
CA MET D 1 -18.04 -26.34 14.95
C MET D 1 -18.14 -26.13 13.45
N PHE D 2 -17.80 -24.93 12.98
CA PHE D 2 -17.77 -24.66 11.56
C PHE D 2 -16.33 -24.97 11.25
N GLN D 3 -16.10 -25.94 10.39
CA GLN D 3 -14.73 -26.34 10.06
C GLN D 3 -14.73 -27.21 8.84
N GLY D 4 -13.56 -27.68 8.48
CA GLY D 4 -13.45 -28.56 7.32
C GLY D 4 -13.44 -27.83 6.00
N SER D 5 -13.95 -28.53 4.98
CA SER D 5 -14.00 -28.01 3.63
C SER D 5 -15.39 -27.43 3.33
N ILE D 6 -15.45 -26.10 3.24
CA ILE D 6 -16.71 -25.42 2.95
C ILE D 6 -16.57 -24.73 1.61
N VAL D 7 -17.56 -24.89 0.75
CA VAL D 7 -17.49 -24.29 -0.57
C VAL D 7 -18.26 -22.97 -0.65
N ALA D 8 -17.61 -21.95 -1.21
CA ALA D 8 -18.24 -20.65 -1.41
C ALA D 8 -18.85 -20.89 -2.80
N LEU D 9 -20.07 -21.39 -2.82
CA LEU D 9 -20.76 -21.74 -4.05
C LEU D 9 -21.11 -20.59 -4.99
N ILE D 10 -20.93 -20.82 -6.29
CA ILE D 10 -21.28 -19.82 -7.31
C ILE D 10 -22.81 -19.87 -7.39
N THR D 11 -23.40 -18.85 -8.01
CA THR D 11 -24.85 -18.82 -8.21
C THR D 11 -25.06 -18.89 -9.72
N PRO D 12 -25.46 -20.07 -10.24
CA PRO D 12 -25.66 -20.17 -11.68
C PRO D 12 -26.86 -19.36 -12.19
N PHE D 13 -26.68 -18.80 -13.38
CA PHE D 13 -27.72 -17.99 -14.02
C PHE D 13 -28.07 -18.60 -15.38
N LYS D 14 -29.29 -18.33 -15.84
CA LYS D 14 -29.77 -18.82 -17.12
C LYS D 14 -30.90 -17.88 -17.54
N GLU D 15 -30.81 -17.36 -18.76
CA GLU D 15 -31.80 -16.42 -19.28
C GLU D 15 -32.03 -15.25 -18.33
N GLY D 16 -30.96 -14.81 -17.68
CA GLY D 16 -31.05 -13.68 -16.76
C GLY D 16 -31.71 -13.97 -15.43
N GLU D 17 -31.82 -15.24 -15.08
CA GLU D 17 -32.47 -15.61 -13.83
C GLU D 17 -31.63 -16.69 -13.14
N VAL D 18 -31.85 -16.89 -11.84
CA VAL D 18 -31.13 -17.92 -11.13
C VAL D 18 -31.52 -19.25 -11.75
N ASP D 19 -30.52 -20.08 -12.05
CA ASP D 19 -30.74 -21.39 -12.66
C ASP D 19 -30.84 -22.43 -11.54
N TYR D 20 -32.06 -22.72 -11.12
CA TYR D 20 -32.27 -23.67 -10.04
C TYR D 20 -31.96 -25.11 -10.38
N GLU D 21 -32.05 -25.46 -11.66
CA GLU D 21 -31.73 -26.82 -12.08
C GLU D 21 -30.23 -27.00 -11.83
N ALA D 22 -29.44 -26.03 -12.26
CA ALA D 22 -27.99 -26.09 -12.09
C ALA D 22 -27.62 -26.00 -10.61
N LEU D 23 -28.29 -25.12 -9.87
CA LEU D 23 -28.02 -24.98 -8.44
C LEU D 23 -28.28 -26.30 -7.72
N GLY D 24 -29.36 -26.98 -8.11
CA GLY D 24 -29.68 -28.26 -7.49
C GLY D 24 -28.60 -29.30 -7.74
N ASN D 25 -28.07 -29.33 -8.95
CA ASN D 25 -27.02 -30.27 -9.32
C ASN D 25 -25.73 -29.97 -8.56
N LEU D 26 -25.48 -28.69 -8.34
CA LEU D 26 -24.30 -28.26 -7.60
C LEU D 26 -24.38 -28.82 -6.19
N ILE D 27 -25.57 -28.77 -5.59
CA ILE D 27 -25.76 -29.28 -4.23
C ILE D 27 -25.46 -30.78 -4.19
N GLU D 28 -25.93 -31.50 -5.20
CA GLU D 28 -25.71 -32.94 -5.28
C GLU D 28 -24.21 -33.20 -5.43
N PHE D 29 -23.56 -32.39 -6.25
CA PHE D 29 -22.13 -32.50 -6.50
C PHE D 29 -21.35 -32.47 -5.18
N HIS D 30 -21.71 -31.56 -4.30
CA HIS D 30 -21.00 -31.47 -3.02
C HIS D 30 -21.42 -32.50 -1.99
N VAL D 31 -22.65 -32.98 -2.08
CA VAL D 31 -23.10 -34.00 -1.13
C VAL D 31 -22.29 -35.28 -1.34
N ASP D 32 -22.14 -35.71 -2.58
CA ASP D 32 -21.39 -36.95 -2.81
C ASP D 32 -19.88 -36.80 -2.97
N ASN D 33 -19.35 -35.60 -2.82
CA ASN D 33 -17.92 -35.41 -2.94
C ASN D 33 -17.29 -35.10 -1.58
N GLY D 34 -18.12 -35.20 -0.54
CA GLY D 34 -17.63 -34.99 0.82
C GLY D 34 -17.46 -33.57 1.35
N THR D 35 -18.00 -32.59 0.65
CA THR D 35 -17.88 -31.22 1.14
C THR D 35 -18.60 -31.14 2.48
N ASP D 36 -18.02 -30.39 3.42
CA ASP D 36 -18.60 -30.26 4.75
C ASP D 36 -19.80 -29.32 4.86
N ALA D 37 -19.79 -28.25 4.07
CA ALA D 37 -20.89 -27.29 4.10
C ALA D 37 -20.91 -26.47 2.83
N ILE D 38 -22.08 -25.96 2.49
CA ILE D 38 -22.24 -25.14 1.30
C ILE D 38 -22.61 -23.72 1.72
N LEU D 39 -21.84 -22.73 1.26
CA LEU D 39 -22.13 -21.33 1.55
C LEU D 39 -22.75 -20.74 0.30
N VAL D 40 -23.99 -20.27 0.39
CA VAL D 40 -24.64 -19.67 -0.78
C VAL D 40 -24.79 -18.17 -0.60
N CYS D 41 -24.74 -17.44 -1.71
CA CYS D 41 -24.88 -15.99 -1.70
C CYS D 41 -23.72 -15.24 -1.08
N GLY D 42 -22.52 -15.80 -1.24
CA GLY D 42 -21.34 -15.12 -0.75
C GLY D 42 -20.84 -14.30 -1.92
N THR D 43 -19.62 -13.77 -1.82
CA THR D 43 -19.05 -12.98 -2.91
C THR D 43 -18.93 -13.86 -4.16
N THR D 44 -18.51 -15.10 -3.95
CA THR D 44 -18.34 -16.02 -5.07
C THR D 44 -19.69 -16.36 -5.68
N GLY D 45 -20.76 -16.17 -4.90
CA GLY D 45 -22.09 -16.44 -5.40
C GLY D 45 -22.73 -15.22 -6.04
N GLU D 46 -21.95 -14.17 -6.25
CA GLU D 46 -22.44 -12.94 -6.87
C GLU D 46 -23.56 -12.23 -6.10
N SER D 47 -23.48 -12.25 -4.77
CA SER D 47 -24.48 -11.59 -3.94
C SER D 47 -24.73 -10.13 -4.35
N PRO D 48 -23.67 -9.41 -4.79
CA PRO D 48 -23.86 -8.02 -5.18
C PRO D 48 -24.94 -7.78 -6.25
N THR D 49 -25.06 -8.69 -7.20
CA THR D 49 -26.06 -8.53 -8.26
C THR D 49 -27.35 -9.31 -8.07
N LEU D 50 -27.49 -9.98 -6.92
CA LEU D 50 -28.70 -10.72 -6.61
C LEU D 50 -29.63 -9.77 -5.84
N THR D 51 -30.92 -9.84 -6.11
CA THR D 51 -31.87 -8.99 -5.39
C THR D 51 -32.04 -9.55 -3.99
N PHE D 52 -32.66 -8.80 -3.10
CA PHE D 52 -32.90 -9.25 -1.74
C PHE D 52 -33.76 -10.52 -1.83
N GLU D 53 -34.71 -10.48 -2.76
CA GLU D 53 -35.63 -11.58 -3.01
C GLU D 53 -34.92 -12.85 -3.48
N GLU D 54 -34.02 -12.69 -4.43
CA GLU D 54 -33.27 -13.83 -4.94
C GLU D 54 -32.40 -14.41 -3.83
N HIS D 55 -31.92 -13.55 -2.94
CA HIS D 55 -31.11 -14.01 -1.81
C HIS D 55 -31.98 -14.95 -0.98
N GLU D 56 -33.15 -14.46 -0.60
CA GLU D 56 -34.09 -15.23 0.20
C GLU D 56 -34.43 -16.56 -0.45
N LYS D 57 -34.67 -16.54 -1.76
CA LYS D 57 -35.03 -17.73 -2.51
C LYS D 57 -33.89 -18.75 -2.62
N VAL D 58 -32.69 -18.27 -2.90
CA VAL D 58 -31.53 -19.16 -3.02
C VAL D 58 -31.24 -19.88 -1.70
N ILE D 59 -31.33 -19.14 -0.60
CA ILE D 59 -31.08 -19.70 0.72
C ILE D 59 -32.09 -20.79 1.07
N GLU D 60 -33.38 -20.51 0.87
CA GLU D 60 -34.40 -21.51 1.18
C GLU D 60 -34.26 -22.71 0.25
N PHE D 61 -33.95 -22.45 -1.02
CA PHE D 61 -33.77 -23.52 -1.98
C PHE D 61 -32.63 -24.44 -1.53
N ALA D 62 -31.52 -23.84 -1.12
CA ALA D 62 -30.36 -24.62 -0.66
C ALA D 62 -30.66 -25.48 0.56
N VAL D 63 -31.34 -24.90 1.55
CA VAL D 63 -31.67 -25.62 2.76
C VAL D 63 -32.62 -26.78 2.48
N LYS D 64 -33.70 -26.51 1.76
CA LYS D 64 -34.67 -27.55 1.46
C LYS D 64 -34.12 -28.65 0.56
N ARG D 65 -33.43 -28.28 -0.52
CA ARG D 65 -32.86 -29.28 -1.40
C ARG D 65 -31.78 -30.10 -0.70
N ALA D 66 -30.99 -29.45 0.14
CA ALA D 66 -29.95 -30.15 0.89
C ALA D 66 -30.63 -31.23 1.74
N ALA D 67 -31.85 -30.93 2.16
CA ALA D 67 -32.64 -31.86 2.97
C ALA D 67 -31.87 -32.47 4.12
N GLY D 68 -31.07 -31.66 4.80
CA GLY D 68 -30.29 -32.12 5.93
C GLY D 68 -29.10 -33.00 5.64
N ARG D 69 -28.77 -33.18 4.37
CA ARG D 69 -27.63 -34.01 4.00
C ARG D 69 -26.29 -33.29 4.08
N ILE D 70 -26.33 -31.96 4.09
CA ILE D 70 -25.12 -31.15 4.15
C ILE D 70 -25.44 -29.80 4.79
N LYS D 71 -24.52 -29.27 5.58
CA LYS D 71 -24.74 -27.99 6.23
C LYS D 71 -24.87 -26.88 5.18
N VAL D 72 -25.70 -25.90 5.48
CA VAL D 72 -25.92 -24.77 4.59
C VAL D 72 -25.69 -23.47 5.36
N ILE D 73 -24.79 -22.64 4.84
CA ILE D 73 -24.48 -21.35 5.44
C ILE D 73 -24.98 -20.29 4.47
N ALA D 74 -25.67 -19.29 5.01
CA ALA D 74 -26.21 -18.24 4.15
C ALA D 74 -25.44 -16.95 4.24
N GLY D 75 -25.10 -16.38 3.07
CA GLY D 75 -24.42 -15.11 3.03
C GLY D 75 -25.56 -14.11 3.19
N THR D 76 -25.58 -13.38 4.30
CA THR D 76 -26.67 -12.46 4.57
C THR D 76 -26.29 -11.00 4.84
N GLY D 77 -25.02 -10.67 4.71
CA GLY D 77 -24.61 -9.30 4.99
C GLY D 77 -24.58 -8.32 3.84
N GLY D 78 -24.31 -7.07 4.18
CA GLY D 78 -24.23 -5.99 3.21
C GLY D 78 -23.66 -4.82 3.99
N ASN D 79 -23.83 -3.59 3.52
CA ASN D 79 -23.28 -2.47 4.27
C ASN D 79 -24.36 -1.62 4.96
N ALA D 80 -25.55 -2.20 5.11
CA ALA D 80 -26.67 -1.54 5.79
C ALA D 80 -27.12 -2.51 6.89
N THR D 81 -27.02 -2.08 8.13
CA THR D 81 -27.38 -2.94 9.25
C THR D 81 -28.82 -3.46 9.25
N HIS D 82 -29.78 -2.58 9.00
CA HIS D 82 -31.19 -2.96 8.99
C HIS D 82 -31.47 -4.14 8.07
N GLU D 83 -31.00 -4.07 6.82
CA GLU D 83 -31.25 -5.17 5.90
C GLU D 83 -30.47 -6.43 6.26
N ALA D 84 -29.31 -6.27 6.88
CA ALA D 84 -28.52 -7.44 7.26
C ALA D 84 -29.30 -8.22 8.33
N VAL D 85 -29.95 -7.48 9.23
CA VAL D 85 -30.75 -8.09 10.29
C VAL D 85 -31.89 -8.87 9.64
N HIS D 86 -32.58 -8.23 8.69
CA HIS D 86 -33.70 -8.84 7.99
C HIS D 86 -33.36 -10.10 7.23
N LEU D 87 -32.29 -10.06 6.46
CA LEU D 87 -31.89 -11.23 5.69
C LEU D 87 -31.40 -12.34 6.61
N THR D 88 -30.68 -11.97 7.67
CA THR D 88 -30.18 -12.96 8.61
C THR D 88 -31.35 -13.65 9.33
N ALA D 89 -32.40 -12.88 9.62
CA ALA D 89 -33.58 -13.42 10.29
C ALA D 89 -34.24 -14.43 9.35
N HIS D 90 -34.24 -14.13 8.05
CA HIS D 90 -34.82 -15.01 7.05
C HIS D 90 -34.06 -16.34 7.02
N ALA D 91 -32.73 -16.26 6.95
CA ALA D 91 -31.89 -17.45 6.91
C ALA D 91 -32.23 -18.36 8.09
N LYS D 92 -32.39 -17.73 9.26
CA LYS D 92 -32.73 -18.43 10.49
C LYS D 92 -34.09 -19.13 10.33
N GLU D 93 -35.07 -18.38 9.86
CA GLU D 93 -36.42 -18.89 9.68
C GLU D 93 -36.53 -20.07 8.71
N VAL D 94 -35.74 -20.06 7.65
CA VAL D 94 -35.79 -21.14 6.67
C VAL D 94 -34.85 -22.31 7.00
N GLY D 95 -34.26 -22.28 8.19
CA GLY D 95 -33.41 -23.37 8.63
C GLY D 95 -31.94 -23.41 8.24
N ALA D 96 -31.34 -22.28 7.90
CA ALA D 96 -29.93 -22.28 7.55
C ALA D 96 -29.14 -22.64 8.80
N ASP D 97 -28.03 -23.33 8.63
CA ASP D 97 -27.21 -23.73 9.77
C ASP D 97 -26.36 -22.57 10.31
N GLY D 98 -26.16 -21.56 9.48
CA GLY D 98 -25.38 -20.43 9.91
C GLY D 98 -25.48 -19.28 8.93
N ALA D 99 -25.00 -18.13 9.35
CA ALA D 99 -25.02 -16.93 8.51
C ALA D 99 -23.64 -16.33 8.42
N LEU D 100 -23.21 -16.02 7.20
CA LEU D 100 -21.92 -15.40 6.96
C LEU D 100 -22.25 -13.93 6.75
N VAL D 101 -21.74 -13.07 7.63
CA VAL D 101 -21.99 -11.65 7.57
C VAL D 101 -20.69 -10.91 7.26
N VAL D 102 -20.62 -10.33 6.05
CA VAL D 102 -19.43 -9.63 5.64
C VAL D 102 -19.24 -8.30 6.37
N VAL D 103 -17.99 -7.89 6.53
CA VAL D 103 -17.68 -6.61 7.15
C VAL D 103 -18.20 -5.58 6.13
N PRO D 104 -19.04 -4.62 6.56
CA PRO D 104 -19.59 -3.61 5.65
C PRO D 104 -18.56 -3.02 4.69
N TYR D 105 -18.88 -3.10 3.39
CA TYR D 105 -18.01 -2.59 2.34
C TYR D 105 -18.41 -1.17 1.94
N TYR D 106 -17.46 -0.45 1.33
CA TYR D 106 -17.70 0.88 0.80
C TYR D 106 -17.94 2.07 1.76
N ASN D 107 -18.82 1.92 2.76
CA ASN D 107 -19.04 3.05 3.65
C ASN D 107 -18.05 3.18 4.81
N LYS D 108 -17.10 2.24 4.88
CA LYS D 108 -16.04 2.24 5.87
C LYS D 108 -16.42 2.68 7.29
N PRO D 109 -17.28 1.92 7.95
CA PRO D 109 -17.64 2.34 9.32
C PRO D 109 -16.45 2.32 10.28
N THR D 110 -16.58 3.06 11.38
CA THR D 110 -15.53 3.09 12.38
C THR D 110 -15.61 1.75 13.12
N GLN D 111 -14.62 1.45 13.97
CA GLN D 111 -14.65 0.19 14.71
C GLN D 111 -15.90 0.11 15.57
N ARG D 112 -16.33 1.25 16.12
CA ARG D 112 -17.53 1.26 16.95
C ARG D 112 -18.71 0.89 16.06
N GLY D 113 -18.68 1.38 14.83
CA GLY D 113 -19.75 1.08 13.88
C GLY D 113 -19.77 -0.39 13.54
N LEU D 114 -18.60 -1.01 13.42
CA LEU D 114 -18.52 -2.43 13.10
C LEU D 114 -19.02 -3.23 14.29
N TYR D 115 -18.69 -2.78 15.49
CA TYR D 115 -19.15 -3.45 16.70
C TYR D 115 -20.67 -3.43 16.76
N GLU D 116 -21.25 -2.26 16.58
CA GLU D 116 -22.70 -2.13 16.64
C GLU D 116 -23.40 -2.88 15.51
N HIS D 117 -22.78 -2.91 14.33
CA HIS D 117 -23.35 -3.61 13.19
C HIS D 117 -23.51 -5.10 13.52
N PHE D 118 -22.40 -5.75 13.86
CA PHE D 118 -22.43 -7.18 14.19
C PHE D 118 -23.20 -7.52 15.48
N LYS D 119 -23.10 -6.66 16.49
CA LYS D 119 -23.81 -6.91 17.74
C LYS D 119 -25.31 -6.88 17.48
N THR D 120 -25.76 -5.91 16.70
CA THR D 120 -27.18 -5.78 16.39
C THR D 120 -27.71 -7.02 15.67
N VAL D 121 -26.98 -7.47 14.65
CA VAL D 121 -27.38 -8.65 13.91
C VAL D 121 -27.42 -9.88 14.83
N ALA D 122 -26.33 -10.11 15.55
CA ALA D 122 -26.24 -11.26 16.45
C ALA D 122 -27.30 -11.30 17.55
N GLN D 123 -27.59 -10.15 18.15
CA GLN D 123 -28.60 -10.11 19.22
C GLN D 123 -30.02 -10.28 18.70
N GLU D 124 -30.27 -9.83 17.47
CA GLU D 124 -31.60 -9.93 16.88
C GLU D 124 -31.91 -11.33 16.35
N VAL D 125 -30.88 -12.04 15.89
CA VAL D 125 -31.09 -13.37 15.33
C VAL D 125 -30.26 -14.46 15.99
N ASP D 126 -30.95 -15.44 16.58
CA ASP D 126 -30.27 -16.54 17.25
C ASP D 126 -29.80 -17.62 16.28
N ILE D 127 -28.79 -17.29 15.48
CA ILE D 127 -28.22 -18.21 14.52
C ILE D 127 -26.70 -18.03 14.60
N PRO D 128 -25.93 -19.12 14.47
CA PRO D 128 -24.48 -18.99 14.53
C PRO D 128 -24.02 -18.04 13.43
N ILE D 129 -23.14 -17.11 13.78
CA ILE D 129 -22.67 -16.12 12.82
C ILE D 129 -21.17 -16.18 12.56
N ILE D 130 -20.80 -16.08 11.29
CA ILE D 130 -19.42 -16.09 10.88
C ILE D 130 -19.09 -14.72 10.30
N ILE D 131 -18.13 -14.04 10.90
CA ILE D 131 -17.71 -12.73 10.41
C ILE D 131 -16.87 -12.99 9.18
N TYR D 132 -17.04 -12.15 8.17
CA TYR D 132 -16.27 -12.32 6.94
C TYR D 132 -15.46 -11.07 6.68
N ASN D 133 -14.15 -11.18 6.95
CA ASN D 133 -13.23 -10.07 6.77
C ASN D 133 -12.42 -10.23 5.48
N ILE D 134 -12.55 -9.25 4.59
CA ILE D 134 -11.83 -9.26 3.32
C ILE D 134 -11.56 -7.81 2.93
N PRO D 135 -10.53 -7.20 3.55
CA PRO D 135 -10.13 -5.82 3.31
C PRO D 135 -9.90 -5.45 1.85
N SER D 136 -9.43 -6.40 1.05
CA SER D 136 -9.17 -6.12 -0.36
C SER D 136 -10.44 -5.80 -1.14
N ARG D 137 -11.61 -6.13 -0.57
CA ARG D 137 -12.87 -5.85 -1.24
C ARG D 137 -13.72 -4.82 -0.51
N THR D 138 -13.76 -4.91 0.82
CA THR D 138 -14.57 -4.00 1.63
C THR D 138 -13.89 -2.66 1.85
N CYS D 139 -12.57 -2.67 1.74
CA CYS D 139 -11.77 -1.47 1.92
C CYS D 139 -11.74 -0.95 3.37
N VAL D 140 -11.96 -1.87 4.31
CA VAL D 140 -11.92 -1.57 5.74
C VAL D 140 -11.67 -2.91 6.43
N GLU D 141 -11.16 -2.90 7.65
CA GLU D 141 -10.90 -4.15 8.35
C GLU D 141 -11.41 -4.11 9.79
N ILE D 142 -12.03 -5.20 10.23
CA ILE D 142 -12.52 -5.26 11.60
C ILE D 142 -11.30 -5.65 12.44
N SER D 143 -10.95 -4.80 13.40
CA SER D 143 -9.78 -5.03 14.24
C SER D 143 -9.96 -6.26 15.13
N VAL D 144 -8.85 -6.82 15.61
CA VAL D 144 -8.95 -7.98 16.47
C VAL D 144 -9.60 -7.55 17.80
N ASP D 145 -9.39 -6.29 18.19
CA ASP D 145 -9.99 -5.78 19.42
C ASP D 145 -11.51 -5.83 19.29
N THR D 146 -12.02 -5.39 18.14
CA THR D 146 -13.46 -5.39 17.90
C THR D 146 -13.98 -6.81 17.86
N MET D 147 -13.25 -7.70 17.19
CA MET D 147 -13.65 -9.10 17.11
C MET D 147 -13.71 -9.73 18.50
N PHE D 148 -12.71 -9.45 19.32
CA PHE D 148 -12.66 -9.98 20.67
C PHE D 148 -13.87 -9.56 21.49
N LYS D 149 -14.23 -8.28 21.39
CA LYS D 149 -15.36 -7.74 22.12
C LYS D 149 -16.66 -8.38 21.65
N LEU D 150 -16.82 -8.51 20.33
CA LEU D 150 -18.02 -9.12 19.77
C LEU D 150 -18.16 -10.58 20.21
N ALA D 151 -17.09 -11.34 20.05
CA ALA D 151 -17.09 -12.75 20.41
C ALA D 151 -17.33 -12.95 21.88
N SER D 152 -16.87 -12.01 22.70
CA SER D 152 -17.06 -12.10 24.14
C SER D 152 -18.50 -11.81 24.53
N GLU D 153 -19.07 -10.77 23.92
CA GLU D 153 -20.43 -10.36 24.23
C GLU D 153 -21.53 -11.19 23.56
N CYS D 154 -21.29 -11.66 22.35
CA CYS D 154 -22.30 -12.44 21.64
C CYS D 154 -21.91 -13.90 21.51
N GLU D 155 -22.64 -14.75 22.22
CA GLU D 155 -22.37 -16.18 22.19
C GLU D 155 -22.48 -16.77 20.80
N ASN D 156 -23.34 -16.20 19.95
CA ASN D 156 -23.49 -16.73 18.60
C ASN D 156 -22.53 -16.21 17.52
N ILE D 157 -21.58 -15.37 17.91
CA ILE D 157 -20.57 -14.92 16.95
C ILE D 157 -19.44 -15.90 17.26
N VAL D 158 -19.39 -16.97 16.47
CA VAL D 158 -18.43 -18.05 16.70
C VAL D 158 -17.26 -18.24 15.76
N ALA D 159 -17.24 -17.52 14.64
CA ALA D 159 -16.13 -17.70 13.71
C ALA D 159 -15.90 -16.50 12.81
N SER D 160 -14.80 -16.59 12.06
CA SER D 160 -14.46 -15.55 11.11
C SER D 160 -13.80 -16.18 9.88
N LYS D 161 -14.25 -15.74 8.72
CA LYS D 161 -13.68 -16.20 7.46
C LYS D 161 -12.67 -15.10 7.19
N GLU D 162 -11.39 -15.45 7.23
CA GLU D 162 -10.34 -14.46 7.02
C GLU D 162 -9.64 -14.55 5.68
N SER D 163 -9.98 -13.62 4.78
CA SER D 163 -9.30 -13.59 3.49
C SER D 163 -8.34 -12.41 3.65
N THR D 164 -7.22 -12.72 4.30
CA THR D 164 -6.15 -11.76 4.58
C THR D 164 -4.82 -12.49 4.39
N PRO D 165 -3.81 -11.79 3.88
CA PRO D 165 -2.50 -12.42 3.67
C PRO D 165 -1.60 -12.26 4.90
N ASN D 166 -2.15 -11.63 5.95
CA ASN D 166 -1.42 -11.38 7.18
C ASN D 166 -1.53 -12.52 8.18
N MET D 167 -0.54 -13.42 8.19
CA MET D 167 -0.56 -14.55 9.12
C MET D 167 -0.53 -14.08 10.58
N ASP D 168 0.11 -12.93 10.81
CA ASP D 168 0.18 -12.40 12.16
C ASP D 168 -1.21 -12.07 12.70
N ARG D 169 -2.12 -11.66 11.83
CA ARG D 169 -3.49 -11.36 12.27
C ARG D 169 -4.16 -12.67 12.71
N ILE D 170 -3.88 -13.73 11.96
CA ILE D 170 -4.42 -15.05 12.27
C ILE D 170 -3.88 -15.47 13.65
N SER D 171 -2.58 -15.29 13.87
CA SER D 171 -1.99 -15.63 15.17
C SER D 171 -2.70 -14.85 16.28
N GLU D 172 -2.91 -13.55 16.05
CA GLU D 172 -3.56 -12.69 17.03
C GLU D 172 -4.97 -13.18 17.37
N ILE D 173 -5.75 -13.53 16.34
CA ILE D 173 -7.11 -14.02 16.55
C ILE D 173 -7.12 -15.34 17.32
N VAL D 174 -6.33 -16.29 16.87
CA VAL D 174 -6.28 -17.58 17.55
C VAL D 174 -5.90 -17.41 19.02
N LYS D 175 -4.87 -16.61 19.28
CA LYS D 175 -4.40 -16.40 20.64
C LYS D 175 -5.39 -15.64 21.53
N ARG D 176 -5.90 -14.52 21.04
CA ARG D 176 -6.81 -13.70 21.84
C ARG D 176 -8.22 -14.21 22.02
N LEU D 177 -8.82 -14.75 20.96
CA LEU D 177 -10.17 -15.28 21.09
C LEU D 177 -10.11 -16.70 21.63
N GLY D 178 -11.18 -17.13 22.27
CA GLY D 178 -11.19 -18.46 22.87
C GLY D 178 -10.87 -19.63 21.96
N GLU D 179 -10.80 -20.82 22.55
CA GLU D 179 -10.56 -22.03 21.79
C GLU D 179 -11.93 -22.32 21.20
N SER D 180 -12.93 -21.58 21.71
CA SER D 180 -14.32 -21.73 21.28
C SER D 180 -14.62 -20.88 20.04
N PHE D 181 -13.61 -20.24 19.48
CA PHE D 181 -13.79 -19.42 18.29
C PHE D 181 -13.11 -20.17 17.15
N SER D 182 -13.66 -20.07 15.95
CA SER D 182 -13.08 -20.77 14.82
C SER D 182 -12.63 -19.83 13.71
N VAL D 183 -11.39 -19.97 13.28
CA VAL D 183 -10.90 -19.15 12.18
C VAL D 183 -10.93 -20.02 10.93
N LEU D 184 -11.54 -19.50 9.88
CA LEU D 184 -11.60 -20.25 8.62
C LEU D 184 -10.83 -19.47 7.57
N SER D 185 -10.00 -20.18 6.80
CA SER D 185 -9.25 -19.53 5.74
C SER D 185 -10.19 -19.01 4.67
N GLY D 186 -9.91 -17.80 4.19
CA GLY D 186 -10.71 -17.21 3.14
C GLY D 186 -9.90 -17.10 1.86
N ASP D 187 -8.80 -17.84 1.82
CA ASP D 187 -7.89 -17.85 0.67
C ASP D 187 -7.36 -19.28 0.50
N ASP D 188 -7.71 -19.92 -0.62
CA ASP D 188 -7.27 -21.29 -0.85
C ASP D 188 -5.77 -21.51 -0.73
N SER D 189 -4.98 -20.60 -1.28
CA SER D 189 -3.52 -20.75 -1.23
C SER D 189 -2.95 -20.50 0.16
N LEU D 190 -3.78 -20.03 1.09
CA LEU D 190 -3.33 -19.75 2.44
C LEU D 190 -3.87 -20.72 3.47
N THR D 191 -4.69 -21.67 3.03
CA THR D 191 -5.27 -22.64 3.95
C THR D 191 -4.19 -23.42 4.73
N LEU D 192 -3.19 -23.94 4.03
CA LEU D 192 -2.15 -24.70 4.72
C LEU D 192 -1.48 -23.90 5.85
N PRO D 193 -0.89 -22.73 5.53
CA PRO D 193 -0.26 -21.98 6.63
C PRO D 193 -1.22 -21.53 7.73
N MET D 194 -2.46 -21.17 7.38
CA MET D 194 -3.39 -20.75 8.42
C MET D 194 -3.77 -21.89 9.35
N MET D 195 -3.95 -23.08 8.79
CA MET D 195 -4.31 -24.23 9.63
C MET D 195 -3.12 -24.67 10.47
N ALA D 196 -1.93 -24.40 9.99
CA ALA D 196 -0.72 -24.74 10.74
C ALA D 196 -0.71 -23.87 12.00
N LEU D 197 -1.32 -22.69 11.89
CA LEU D 197 -1.41 -21.76 13.03
C LEU D 197 -2.65 -22.00 13.89
N GLY D 198 -3.52 -22.92 13.46
CA GLY D 198 -4.70 -23.20 14.25
C GLY D 198 -6.06 -22.97 13.61
N ALA D 199 -6.10 -22.54 12.34
CA ALA D 199 -7.37 -22.33 11.66
C ALA D 199 -8.05 -23.70 11.55
N LYS D 200 -9.39 -23.71 11.52
CA LYS D 200 -10.12 -24.98 11.49
C LYS D 200 -10.64 -25.48 10.14
N GLY D 201 -10.33 -24.74 9.07
CA GLY D 201 -10.79 -25.16 7.76
C GLY D 201 -10.73 -24.02 6.77
N VAL D 202 -11.52 -24.12 5.71
CA VAL D 202 -11.53 -23.10 4.68
C VAL D 202 -12.89 -22.91 4.02
N ILE D 203 -13.22 -21.66 3.68
CA ILE D 203 -14.43 -21.39 2.93
C ILE D 203 -13.75 -21.11 1.60
N SER D 204 -13.74 -22.15 0.78
CA SER D 204 -13.06 -22.21 -0.50
C SER D 204 -13.74 -21.86 -1.82
N VAL D 205 -12.92 -21.43 -2.77
CA VAL D 205 -13.35 -21.11 -4.12
C VAL D 205 -13.01 -22.35 -4.96
N ALA D 206 -11.83 -22.92 -4.70
CA ALA D 206 -11.37 -24.07 -5.45
C ALA D 206 -12.17 -25.36 -5.29
N ASN D 207 -12.80 -25.57 -4.14
CA ASN D 207 -13.55 -26.81 -4.02
C ASN D 207 -14.84 -26.81 -4.84
N ASN D 208 -15.08 -25.73 -5.58
CA ASN D 208 -16.24 -25.66 -6.47
C ASN D 208 -15.90 -26.60 -7.64
N VAL D 209 -14.59 -26.71 -7.89
CA VAL D 209 -14.03 -27.49 -8.99
C VAL D 209 -13.44 -28.84 -8.58
N MET D 210 -12.70 -28.85 -7.49
CA MET D 210 -12.07 -30.08 -7.01
C MET D 210 -12.33 -30.27 -5.51
N PRO D 211 -13.59 -30.54 -5.15
CA PRO D 211 -13.97 -30.75 -3.75
C PRO D 211 -13.28 -31.89 -3.03
N ARG D 212 -13.03 -33.00 -3.73
CA ARG D 212 -12.38 -34.15 -3.11
C ARG D 212 -10.94 -33.85 -2.73
N GLU D 213 -10.20 -33.22 -3.65
CA GLU D 213 -8.80 -32.88 -3.40
C GLU D 213 -8.65 -31.84 -2.29
N VAL D 214 -9.50 -30.82 -2.31
CA VAL D 214 -9.43 -29.80 -1.28
C VAL D 214 -9.75 -30.39 0.08
N LYS D 215 -10.77 -31.24 0.16
CA LYS D 215 -11.11 -31.83 1.44
C LYS D 215 -9.95 -32.68 1.96
N GLU D 216 -9.23 -33.30 1.05
CA GLU D 216 -8.08 -34.13 1.38
C GLU D 216 -6.99 -33.26 2.03
N LEU D 217 -6.83 -32.05 1.49
CA LEU D 217 -5.86 -31.10 2.03
C LEU D 217 -6.27 -30.72 3.45
N ILE D 218 -7.55 -30.46 3.63
CA ILE D 218 -8.07 -30.08 4.93
C ILE D 218 -7.91 -31.22 5.94
N ARG D 219 -8.22 -32.43 5.50
CA ARG D 219 -8.12 -33.61 6.36
C ARG D 219 -6.69 -33.78 6.87
N ALA D 220 -5.72 -33.69 5.96
CA ALA D 220 -4.32 -33.85 6.33
C ALA D 220 -3.91 -32.81 7.36
N ALA D 221 -4.33 -31.57 7.14
CA ALA D 221 -3.99 -30.48 8.05
C ALA D 221 -4.58 -30.73 9.43
N LEU D 222 -5.87 -31.08 9.46
CA LEU D 222 -6.55 -31.33 10.72
C LEU D 222 -5.88 -32.48 11.48
N GLU D 223 -5.34 -33.45 10.74
CA GLU D 223 -4.66 -34.59 11.36
C GLU D 223 -3.23 -34.23 11.74
N GLY D 224 -2.79 -33.04 11.33
CA GLY D 224 -1.45 -32.60 11.65
C GLY D 224 -0.37 -33.15 10.74
N ASP D 225 -0.78 -33.77 9.63
CA ASP D 225 0.17 -34.33 8.66
C ASP D 225 0.47 -33.28 7.61
N PHE D 226 1.34 -32.34 7.93
CA PHE D 226 1.67 -31.28 6.99
C PHE D 226 2.57 -31.71 5.85
N ARG D 227 3.15 -32.91 5.95
CA ARG D 227 3.98 -33.42 4.87
C ARG D 227 2.99 -33.76 3.75
N ARG D 228 1.88 -34.38 4.12
CA ARG D 228 0.85 -34.74 3.15
C ARG D 228 0.09 -33.48 2.72
N ALA D 229 -0.13 -32.57 3.65
CA ALA D 229 -0.82 -31.31 3.33
C ALA D 229 -0.01 -30.57 2.26
N ARG D 230 1.31 -30.53 2.43
CA ARG D 230 2.16 -29.86 1.47
C ARG D 230 2.08 -30.52 0.10
N GLU D 231 2.03 -31.84 0.06
CA GLU D 231 1.96 -32.52 -1.23
C GLU D 231 0.68 -32.11 -1.97
N ILE D 232 -0.43 -32.04 -1.25
CA ILE D 232 -1.70 -31.67 -1.88
C ILE D 232 -1.70 -30.19 -2.26
N HIS D 233 -1.19 -29.36 -1.34
CA HIS D 233 -1.10 -27.91 -1.55
C HIS D 233 -0.34 -27.59 -2.84
N TYR D 234 0.85 -28.13 -2.97
CA TYR D 234 1.65 -27.87 -4.16
C TYR D 234 1.08 -28.51 -5.41
N TYR D 235 0.36 -29.60 -5.24
CA TYR D 235 -0.27 -30.24 -6.39
C TYR D 235 -1.36 -29.29 -6.91
N LEU D 236 -2.14 -28.74 -5.99
CA LEU D 236 -3.24 -27.82 -6.31
C LEU D 236 -2.85 -26.36 -6.55
N HIS D 237 -1.57 -26.03 -6.38
CA HIS D 237 -1.15 -24.64 -6.54
C HIS D 237 -1.51 -23.98 -7.87
N ASP D 238 -1.32 -24.70 -8.98
CA ASP D 238 -1.65 -24.11 -10.27
C ASP D 238 -3.14 -23.80 -10.35
N LEU D 239 -3.95 -24.65 -9.75
CA LEU D 239 -5.40 -24.45 -9.74
C LEU D 239 -5.73 -23.23 -8.88
N PHE D 240 -5.14 -23.16 -7.70
CA PHE D 240 -5.40 -22.03 -6.79
C PHE D 240 -5.07 -20.69 -7.47
N LYS D 241 -4.00 -20.67 -8.26
CA LYS D 241 -3.59 -19.44 -8.94
C LYS D 241 -4.46 -19.05 -10.13
N VAL D 242 -4.77 -20.02 -11.00
CA VAL D 242 -5.56 -19.71 -12.18
C VAL D 242 -6.97 -19.22 -11.85
N LEU D 243 -7.51 -19.66 -10.72
CA LEU D 243 -8.86 -19.26 -10.32
C LEU D 243 -8.94 -17.78 -9.93
N PHE D 244 -7.80 -17.08 -9.99
CA PHE D 244 -7.77 -15.67 -9.67
C PHE D 244 -7.05 -14.87 -10.76
N ILE D 245 -7.01 -15.46 -11.96
CA ILE D 245 -6.36 -14.82 -13.11
C ILE D 245 -7.17 -13.57 -13.46
N GLU D 246 -8.44 -13.58 -13.06
CA GLU D 246 -9.36 -12.46 -13.22
C GLU D 246 -10.17 -12.44 -11.92
N THR D 247 -10.82 -11.33 -11.63
CA THR D 247 -11.60 -11.20 -10.39
C THR D 247 -12.54 -12.38 -10.10
N ASN D 248 -12.42 -12.95 -8.91
CA ASN D 248 -13.28 -14.06 -8.48
C ASN D 248 -14.69 -13.44 -8.40
N PRO D 249 -15.74 -14.20 -8.77
CA PRO D 249 -15.79 -15.57 -9.28
C PRO D 249 -15.78 -15.75 -10.80
N ILE D 250 -15.23 -14.80 -11.54
CA ILE D 250 -15.24 -14.96 -12.98
C ILE D 250 -14.56 -16.26 -13.43
N PRO D 251 -13.34 -16.53 -12.97
CA PRO D 251 -12.73 -17.79 -13.41
C PRO D 251 -13.37 -19.07 -12.84
N VAL D 252 -13.75 -19.08 -11.57
CA VAL D 252 -14.34 -20.30 -11.03
C VAL D 252 -15.69 -20.62 -11.65
N LYS D 253 -16.50 -19.59 -11.95
CA LYS D 253 -17.78 -19.89 -12.59
C LYS D 253 -17.52 -20.40 -14.00
N THR D 254 -16.51 -19.84 -14.66
CA THR D 254 -16.16 -20.27 -16.00
C THR D 254 -15.67 -21.72 -15.94
N ALA D 255 -14.95 -22.06 -14.88
CA ALA D 255 -14.44 -23.42 -14.71
C ALA D 255 -15.62 -24.39 -14.52
N CYS D 256 -16.63 -23.97 -13.76
CA CYS D 256 -17.82 -24.80 -13.52
C CYS D 256 -18.59 -24.99 -14.82
N TRP D 257 -18.55 -24.00 -15.68
CA TRP D 257 -19.22 -24.10 -16.97
C TRP D 257 -18.49 -25.15 -17.81
N MET D 258 -17.16 -25.06 -17.85
CA MET D 258 -16.37 -26.02 -18.61
C MET D 258 -16.64 -27.45 -18.14
N LEU D 259 -16.95 -27.60 -16.86
CA LEU D 259 -17.24 -28.92 -16.29
C LEU D 259 -18.69 -29.31 -16.53
N GLY D 260 -19.43 -28.41 -17.19
CA GLY D 260 -20.82 -28.67 -17.49
C GLY D 260 -21.80 -28.52 -16.33
N MET D 261 -21.41 -27.75 -15.31
CA MET D 261 -22.28 -27.57 -14.16
C MET D 261 -23.15 -26.31 -14.19
N CYS D 262 -22.90 -25.43 -15.14
CA CYS D 262 -23.70 -24.21 -15.24
C CYS D 262 -23.48 -23.51 -16.57
N GLU D 263 -24.35 -22.55 -16.88
CA GLU D 263 -24.21 -21.80 -18.11
C GLU D 263 -23.10 -20.79 -17.89
N LYS D 264 -22.52 -20.32 -18.99
CA LYS D 264 -21.44 -19.35 -18.92
C LYS D 264 -22.12 -17.99 -18.89
N GLU D 265 -22.83 -17.70 -17.79
CA GLU D 265 -23.57 -16.45 -17.66
C GLU D 265 -23.31 -15.69 -16.35
N PHE D 266 -22.99 -14.40 -16.48
CA PHE D 266 -22.73 -13.55 -15.31
C PHE D 266 -23.69 -12.36 -15.36
N ARG D 267 -23.72 -11.59 -14.27
CA ARG D 267 -24.54 -10.39 -14.22
C ARG D 267 -23.60 -9.19 -14.15
N LEU D 268 -23.81 -8.23 -15.05
CA LEU D 268 -22.97 -7.03 -15.07
C LEU D 268 -23.05 -6.38 -13.70
N PRO D 269 -21.98 -5.71 -13.26
CA PRO D 269 -20.70 -5.47 -13.92
C PRO D 269 -19.74 -6.64 -14.15
N LEU D 270 -20.09 -7.85 -13.72
CA LEU D 270 -19.17 -8.96 -13.96
C LEU D 270 -19.34 -9.38 -15.42
N THR D 271 -18.25 -9.88 -15.99
CA THR D 271 -18.21 -10.28 -17.40
C THR D 271 -17.50 -11.59 -17.59
N GLU D 272 -17.65 -12.18 -18.78
CA GLU D 272 -16.97 -13.44 -19.08
C GLU D 272 -15.50 -13.10 -19.19
N MET D 273 -14.64 -14.09 -18.99
CA MET D 273 -13.20 -13.89 -19.08
C MET D 273 -12.83 -13.48 -20.48
N SER D 274 -11.63 -12.94 -20.64
CA SER D 274 -11.14 -12.56 -21.95
C SER D 274 -10.86 -13.89 -22.64
N PRO D 275 -11.00 -13.95 -23.98
CA PRO D 275 -10.73 -15.21 -24.67
C PRO D 275 -9.38 -15.82 -24.28
N GLU D 276 -8.35 -15.00 -24.18
CA GLU D 276 -7.01 -15.49 -23.83
C GLU D 276 -6.94 -16.13 -22.45
N ASN D 277 -7.51 -15.47 -21.45
CA ASN D 277 -7.48 -16.00 -20.09
C ASN D 277 -8.30 -17.26 -19.97
N GLU D 278 -9.42 -17.31 -20.70
CA GLU D 278 -10.28 -18.48 -20.68
C GLU D 278 -9.50 -19.68 -21.21
N ASN D 279 -8.77 -19.48 -22.29
CA ASN D 279 -7.98 -20.57 -22.86
C ASN D 279 -6.90 -21.01 -21.89
N LYS D 280 -6.32 -20.06 -21.15
CA LYS D 280 -5.29 -20.42 -20.18
C LYS D 280 -5.91 -21.23 -19.05
N LEU D 281 -7.14 -20.89 -18.68
CA LEU D 281 -7.84 -21.61 -17.62
C LEU D 281 -8.07 -23.05 -18.07
N ARG D 282 -8.60 -23.21 -19.28
CA ARG D 282 -8.86 -24.54 -19.82
C ARG D 282 -7.60 -25.40 -19.79
N GLU D 283 -6.47 -24.82 -20.18
CA GLU D 283 -5.21 -25.55 -20.18
C GLU D 283 -4.86 -26.07 -18.80
N VAL D 284 -5.12 -25.27 -17.77
CA VAL D 284 -4.82 -25.69 -16.41
C VAL D 284 -5.74 -26.82 -15.97
N LEU D 285 -7.02 -26.72 -16.29
CA LEU D 285 -7.96 -27.76 -15.90
C LEU D 285 -7.62 -29.09 -16.59
N LYS D 286 -7.17 -29.02 -17.84
CA LYS D 286 -6.82 -30.24 -18.57
C LYS D 286 -5.63 -30.90 -17.89
N LYS D 287 -4.73 -30.07 -17.37
CA LYS D 287 -3.53 -30.56 -16.69
C LYS D 287 -3.95 -31.42 -15.49
N TYR D 288 -5.08 -31.08 -14.88
CA TYR D 288 -5.59 -31.82 -13.73
C TYR D 288 -6.48 -32.98 -14.19
N ASN D 289 -6.54 -33.17 -15.51
CA ASN D 289 -7.34 -34.24 -16.11
C ASN D 289 -8.78 -34.20 -15.64
N LEU D 290 -9.38 -33.01 -15.66
CA LEU D 290 -10.76 -32.86 -15.24
C LEU D 290 -11.69 -33.17 -16.41
N PRO D 291 -12.85 -33.78 -16.14
CA PRO D 291 -13.80 -34.12 -17.20
C PRO D 291 -14.55 -32.89 -17.71
N LEU D 292 -13.98 -32.22 -18.71
CA LEU D 292 -14.62 -31.03 -19.27
C LEU D 292 -15.72 -31.40 -20.26
N LYS D 293 -16.87 -30.74 -20.13
CA LYS D 293 -18.01 -31.00 -21.02
C LYS D 293 -18.20 -29.83 -21.98
N ASN D 294 -17.68 -28.66 -21.61
CA ASN D 294 -17.77 -27.46 -22.44
C ASN D 294 -16.37 -26.87 -22.58
P PO4 E . 25.71 2.45 2.25
O1 PO4 E . 25.42 2.39 3.71
O2 PO4 E . 25.55 1.10 1.64
O3 PO4 E . 24.79 3.39 1.60
O4 PO4 E . 27.10 2.90 2.05
P PO4 F . -25.55 -3.25 -2.15
O1 PO4 F . -25.24 -3.42 -0.71
O2 PO4 F . -25.28 -4.53 -2.85
O3 PO4 F . -26.97 -2.88 -2.31
O4 PO4 F . -24.69 -2.18 -2.71
#